data_7P55
#
_entry.id   7P55
#
_entity_poly.entity_id   1
_entity_poly.type   'polypeptide(L)'
_entity_poly.pdbx_seq_one_letter_code
;IEEQAKTFLDKFNHEAEDLFYQ
;
_entity_poly.pdbx_strand_id   A
#
# COMPACT_ATOMS: atom_id res chain seq x y z
N ILE A 1 8.03 -10.28 11.31
CA ILE A 1 8.01 -9.96 9.89
C ILE A 1 7.92 -8.45 9.68
N GLU A 2 8.54 -7.97 8.60
CA GLU A 2 8.54 -6.55 8.29
C GLU A 2 7.79 -6.28 6.99
N GLU A 3 7.51 -7.35 6.24
CA GLU A 3 6.80 -7.23 4.98
C GLU A 3 5.31 -6.98 5.22
N GLN A 4 4.81 -7.44 6.36
CA GLN A 4 3.41 -7.25 6.71
C GLN A 4 3.25 -6.25 7.85
N ALA A 5 4.18 -5.31 7.92
CA ALA A 5 4.15 -4.29 8.97
C ALA A 5 5.00 -3.08 8.58
N LYS A 6 6.15 -3.34 7.98
CA LYS A 6 7.05 -2.28 7.55
C LYS A 6 6.72 -1.81 6.15
N THR A 7 6.37 -2.75 5.28
CA THR A 7 6.02 -2.44 3.90
C THR A 7 4.53 -2.56 3.66
N PHE A 8 3.81 -2.96 4.70
CA PHE A 8 2.35 -3.13 4.60
C PHE A 8 1.67 -1.79 4.34
N LEU A 9 2.42 -0.71 4.51
CA LEU A 9 1.89 0.64 4.29
C LEU A 9 2.20 1.11 2.88
N ASP A 10 3.08 0.39 2.19
CA ASP A 10 3.47 0.74 0.83
C ASP A 10 2.28 0.59 -0.13
N LYS A 11 1.33 -0.26 0.25
CA LYS A 11 0.16 -0.50 -0.58
C LYS A 11 -0.91 0.56 -0.32
N PHE A 12 -1.03 0.98 0.94
CA PHE A 12 -2.01 2.00 1.31
C PHE A 12 -1.60 3.37 0.78
N ASN A 13 -0.31 3.54 0.52
CA ASN A 13 0.19 4.80 0.00
C ASN A 13 0.30 4.77 -1.52
N HIS A 14 0.44 3.56 -2.08
CA HIS A 14 0.54 3.40 -3.52
C HIS A 14 -0.83 3.11 -4.13
N GLU A 15 -1.46 2.02 -3.69
CA GLU A 15 -2.76 1.64 -4.19
C GLU A 15 -3.78 2.77 -4.01
N ALA A 16 -3.48 3.67 -3.09
CA ALA A 16 -4.36 4.80 -2.81
C ALA A 16 -4.43 5.74 -4.01
N GLU A 17 -3.37 5.73 -4.82
CA GLU A 17 -3.32 6.60 -6.00
C GLU A 17 -3.64 5.81 -7.26
N ASP A 18 -3.70 4.48 -7.13
CA ASP A 18 -4.00 3.61 -8.26
C ASP A 18 -5.48 3.24 -8.29
N LEU A 19 -6.06 3.06 -7.11
CA LEU A 19 -7.47 2.71 -7.00
C LEU A 19 -8.35 3.95 -7.01
N PHE A 20 -7.72 5.12 -6.85
CA PHE A 20 -8.45 6.38 -6.85
C PHE A 20 -9.13 6.61 -8.18
N TYR A 21 -8.72 5.87 -9.20
CA TYR A 21 -9.29 5.99 -10.53
C TYR A 21 -10.38 4.95 -10.75
N GLN A 22 -10.01 3.68 -10.62
CA GLN A 22 -10.96 2.57 -10.80
C GLN A 22 -12.18 2.76 -9.91
N ILE A 1 7.48 -10.45 11.12
CA ILE A 1 7.60 -10.19 9.69
C ILE A 1 7.44 -8.70 9.39
N GLU A 2 8.47 -8.09 8.83
CA GLU A 2 8.43 -6.68 8.49
C GLU A 2 7.71 -6.46 7.15
N GLU A 3 7.50 -7.54 6.42
CA GLU A 3 6.82 -7.48 5.13
C GLU A 3 5.33 -7.23 5.31
N GLN A 4 4.80 -7.59 6.48
CA GLN A 4 3.39 -7.41 6.78
C GLN A 4 3.20 -6.39 7.90
N ALA A 5 4.11 -5.43 7.97
CA ALA A 5 4.04 -4.39 9.00
C ALA A 5 4.92 -3.20 8.63
N LYS A 6 6.08 -3.48 8.05
CA LYS A 6 7.01 -2.43 7.64
C LYS A 6 6.67 -1.91 6.24
N THR A 7 6.38 -2.84 5.34
CA THR A 7 6.04 -2.49 3.96
C THR A 7 4.55 -2.62 3.71
N PHE A 8 3.81 -3.04 4.73
CA PHE A 8 2.36 -3.21 4.61
C PHE A 8 1.67 -1.88 4.37
N LEU A 9 2.41 -0.79 4.57
CA LEU A 9 1.87 0.55 4.36
C LEU A 9 2.19 1.06 2.96
N ASP A 10 3.09 0.37 2.28
CA ASP A 10 3.48 0.75 0.92
C ASP A 10 2.31 0.60 -0.05
N LYS A 11 1.36 -0.27 0.31
CA LYS A 11 0.19 -0.51 -0.53
C LYS A 11 -0.88 0.54 -0.27
N PHE A 12 -1.03 0.93 1.00
CA PHE A 12 -2.02 1.93 1.39
C PHE A 12 -1.63 3.31 0.87
N ASN A 13 -0.34 3.50 0.63
CA ASN A 13 0.18 4.78 0.14
C ASN A 13 0.28 4.76 -1.39
N HIS A 14 0.43 3.58 -1.96
CA HIS A 14 0.55 3.43 -3.41
C HIS A 14 -0.82 3.14 -4.03
N GLU A 15 -1.43 2.04 -3.61
CA GLU A 15 -2.74 1.65 -4.13
C GLU A 15 -3.75 2.78 -3.94
N ALA A 16 -3.47 3.66 -3.00
CA ALA A 16 -4.36 4.78 -2.71
C ALA A 16 -4.42 5.74 -3.89
N GLU A 17 -3.37 5.76 -4.71
CA GLU A 17 -3.30 6.64 -5.87
C GLU A 17 -3.60 5.86 -7.15
N ASP A 18 -3.67 4.53 -7.03
CA ASP A 18 -3.94 3.68 -8.19
C ASP A 18 -5.42 3.30 -8.23
N LEU A 19 -6.00 3.10 -7.06
CA LEU A 19 -7.42 2.73 -6.97
C LEU A 19 -8.30 3.97 -6.97
N PHE A 20 -7.69 5.13 -6.79
CA PHE A 20 -8.42 6.39 -6.77
C PHE A 20 -9.10 6.64 -8.11
N TYR A 21 -8.67 5.91 -9.13
CA TYR A 21 -9.24 6.05 -10.47
C TYR A 21 -10.32 5.00 -10.71
N GLN A 22 -9.93 3.74 -10.60
CA GLN A 22 -10.87 2.64 -10.81
C GLN A 22 -12.09 2.78 -9.91
N ILE A 1 7.83 -11.18 8.36
CA ILE A 1 6.92 -10.40 9.17
C ILE A 1 6.92 -8.94 8.76
N GLU A 2 8.12 -8.37 8.59
CA GLU A 2 8.25 -6.98 8.18
C GLU A 2 7.43 -6.69 6.94
N GLU A 3 7.54 -7.55 5.94
CA GLU A 3 6.80 -7.38 4.70
C GLU A 3 5.31 -7.16 4.96
N GLN A 4 4.87 -7.63 6.13
CA GLN A 4 3.46 -7.49 6.51
C GLN A 4 3.31 -6.50 7.67
N ALA A 5 4.09 -5.43 7.63
CA ALA A 5 4.05 -4.42 8.68
C ALA A 5 4.89 -3.20 8.30
N LYS A 6 6.07 -3.46 7.75
CA LYS A 6 6.97 -2.38 7.33
C LYS A 6 6.64 -1.90 5.93
N THR A 7 6.30 -2.85 5.05
CA THR A 7 5.97 -2.52 3.67
C THR A 7 4.47 -2.64 3.43
N PHE A 8 3.74 -3.07 4.45
CA PHE A 8 2.30 -3.23 4.35
C PHE A 8 1.61 -1.89 4.11
N LEU A 9 2.37 -0.80 4.31
CA LEU A 9 1.84 0.54 4.11
C LEU A 9 2.15 1.05 2.71
N ASP A 10 3.03 0.35 2.02
CA ASP A 10 3.42 0.72 0.66
C ASP A 10 2.24 0.59 -0.30
N LYS A 11 1.30 -0.26 0.06
CA LYS A 11 0.11 -0.47 -0.77
C LYS A 11 -0.95 0.58 -0.49
N PHE A 12 -1.08 0.97 0.76
CA PHE A 12 -2.06 1.98 1.16
C PHE A 12 -1.65 3.36 0.66
N ASN A 13 -0.36 3.54 0.41
CA ASN A 13 0.16 4.81 -0.08
C ASN A 13 0.26 4.81 -1.60
N HIS A 14 0.40 3.61 -2.18
CA HIS A 14 0.50 3.48 -3.62
C HIS A 14 -0.87 3.21 -4.24
N GLU A 15 -1.49 2.11 -3.84
CA GLU A 15 -2.80 1.74 -4.36
C GLU A 15 -3.81 2.87 -4.15
N ALA A 16 -3.51 3.75 -3.19
CA ALA A 16 -4.39 4.88 -2.90
C ALA A 16 -4.45 5.84 -4.08
N GLU A 17 -3.40 5.85 -4.88
CA GLU A 17 -3.34 6.74 -6.05
C GLU A 17 -3.66 5.97 -7.32
N ASP A 18 -3.72 4.66 -7.22
CA ASP A 18 -4.02 3.81 -8.37
C ASP A 18 -5.50 3.44 -8.41
N LEU A 19 -6.09 3.24 -7.23
CA LEU A 19 -7.50 2.88 -7.14
C LEU A 19 -8.37 4.13 -7.13
N PHE A 20 -7.74 5.29 -6.94
CA PHE A 20 -8.47 6.55 -6.91
C PHE A 20 -9.15 6.81 -8.24
N TYR A 21 -8.73 6.09 -9.27
CA TYR A 21 -9.31 6.25 -10.60
C TYR A 21 -10.40 5.21 -10.85
N GLN A 22 -10.03 3.93 -10.75
CA GLN A 22 -10.97 2.84 -10.96
C GLN A 22 -12.21 3.03 -10.09
N ILE A 1 9.14 -10.64 10.34
CA ILE A 1 7.81 -10.07 10.14
C ILE A 1 7.91 -8.57 9.85
N GLU A 2 8.25 -8.22 8.62
CA GLU A 2 8.37 -6.83 8.23
C GLU A 2 7.54 -6.54 6.98
N GLU A 3 7.68 -7.41 5.97
CA GLU A 3 6.94 -7.24 4.72
C GLU A 3 5.45 -7.05 4.99
N GLN A 4 5.00 -7.53 6.15
CA GLN A 4 3.60 -7.41 6.52
C GLN A 4 3.42 -6.43 7.68
N ALA A 5 4.19 -5.35 7.65
CA ALA A 5 4.12 -4.33 8.70
C ALA A 5 4.94 -3.10 8.33
N LYS A 6 6.13 -3.34 7.78
CA LYS A 6 7.01 -2.25 7.38
C LYS A 6 6.69 -1.78 5.97
N THR A 7 6.36 -2.72 5.08
CA THR A 7 6.04 -2.40 3.70
C THR A 7 4.54 -2.54 3.45
N PHE A 8 3.82 -2.98 4.47
CA PHE A 8 2.38 -3.17 4.36
C PHE A 8 1.67 -1.84 4.12
N LEU A 9 2.39 -0.75 4.33
CA LEU A 9 1.84 0.60 4.13
C LEU A 9 2.16 1.12 2.73
N ASP A 10 3.06 0.42 2.04
CA ASP A 10 3.45 0.82 0.69
C ASP A 10 2.28 0.67 -0.28
N LYS A 11 1.34 -0.20 0.07
CA LYS A 11 0.17 -0.44 -0.77
C LYS A 11 -0.92 0.60 -0.50
N PHE A 12 -1.05 0.99 0.77
CA PHE A 12 -2.05 1.98 1.16
C PHE A 12 -1.67 3.36 0.66
N ASN A 13 -0.37 3.57 0.42
CA ASN A 13 0.13 4.85 -0.07
C ASN A 13 0.24 4.85 -1.59
N HIS A 14 0.39 3.66 -2.16
CA HIS A 14 0.51 3.53 -3.62
C HIS A 14 -0.85 3.23 -4.24
N GLU A 15 -1.46 2.13 -3.83
CA GLU A 15 -2.76 1.74 -4.36
C GLU A 15 -3.78 2.85 -4.16
N ALA A 16 -3.51 3.73 -3.20
CA ALA A 16 -4.41 4.84 -2.91
C ALA A 16 -4.48 5.82 -4.08
N GLU A 17 -3.42 5.84 -4.89
CA GLU A 17 -3.37 6.73 -6.04
C GLU A 17 -3.66 5.97 -7.33
N ASP A 18 -3.71 4.64 -7.22
CA ASP A 18 -3.99 3.79 -8.38
C ASP A 18 -5.46 3.41 -8.43
N LEU A 19 -6.05 3.18 -7.26
CA LEU A 19 -7.46 2.81 -7.17
C LEU A 19 -8.35 4.04 -7.16
N PHE A 20 -7.75 5.21 -6.97
CA PHE A 20 -8.49 6.46 -6.93
C PHE A 20 -9.18 6.71 -8.28
N TYR A 21 -8.74 6.00 -9.31
CA TYR A 21 -9.31 6.15 -10.64
C TYR A 21 -10.38 5.09 -10.89
N GLN A 22 -9.98 3.83 -10.79
CA GLN A 22 -10.91 2.72 -11.01
C GLN A 22 -12.16 2.89 -10.16
N ILE A 1 5.82 -10.61 10.53
CA ILE A 1 6.92 -10.35 9.62
C ILE A 1 6.94 -8.89 9.18
N GLU A 2 8.14 -8.34 9.01
CA GLU A 2 8.28 -6.96 8.58
C GLU A 2 7.45 -6.68 7.33
N GLU A 3 7.57 -7.56 6.34
CA GLU A 3 6.85 -7.40 5.08
C GLU A 3 5.35 -7.18 5.35
N GLN A 4 4.89 -7.62 6.51
CA GLN A 4 3.49 -7.47 6.89
C GLN A 4 3.34 -6.47 8.03
N ALA A 5 4.14 -5.40 7.98
CA ALA A 5 4.09 -4.37 9.01
C ALA A 5 4.93 -3.16 8.62
N LYS A 6 6.12 -3.42 8.07
CA LYS A 6 7.02 -2.37 7.65
C LYS A 6 6.70 -1.91 6.23
N THR A 7 6.37 -2.86 5.37
CA THR A 7 6.04 -2.56 3.98
C THR A 7 4.55 -2.68 3.73
N PHE A 8 3.81 -3.08 4.76
CA PHE A 8 2.36 -3.23 4.65
C PHE A 8 1.69 -1.90 4.39
N LEU A 9 2.44 -0.82 4.58
CA LEU A 9 1.92 0.53 4.35
C LEU A 9 2.25 1.01 2.95
N ASP A 10 3.13 0.30 2.27
CA ASP A 10 3.52 0.66 0.91
C ASP A 10 2.35 0.52 -0.05
N LYS A 11 1.39 -0.33 0.31
CA LYS A 11 0.21 -0.56 -0.52
C LYS A 11 -0.85 0.51 -0.27
N PHE A 12 -0.98 0.92 0.99
CA PHE A 12 -1.95 1.94 1.36
C PHE A 12 -1.53 3.31 0.84
N ASN A 13 -0.24 3.48 0.59
CA ASN A 13 0.28 4.74 0.09
C ASN A 13 0.39 4.71 -1.43
N HIS A 14 0.53 3.51 -1.99
CA HIS A 14 0.64 3.35 -3.44
C HIS A 14 -0.73 3.08 -4.06
N GLU A 15 -1.36 2.00 -3.63
CA GLU A 15 -2.67 1.61 -4.15
C GLU A 15 -3.67 2.75 -3.96
N ALA A 16 -3.38 3.65 -3.03
CA ALA A 16 -4.25 4.78 -2.75
C ALA A 16 -4.30 5.73 -3.94
N GLU A 17 -3.25 5.72 -4.75
CA GLU A 17 -3.18 6.59 -5.92
C GLU A 17 -3.49 5.81 -7.19
N ASP A 18 -3.57 4.49 -7.07
CA ASP A 18 -3.86 3.63 -8.21
C ASP A 18 -5.34 3.28 -8.25
N LEU A 19 -5.94 3.08 -7.07
CA LEU A 19 -7.34 2.73 -6.97
C LEU A 19 -8.22 3.99 -6.99
N PHE A 20 -7.58 5.15 -6.82
CA PHE A 20 -8.30 6.41 -6.81
C PHE A 20 -8.98 6.66 -8.16
N TYR A 21 -8.56 5.92 -9.17
CA TYR A 21 -9.13 6.06 -10.50
C TYR A 21 -10.23 5.02 -10.74
N GLN A 22 -9.86 3.75 -10.61
CA GLN A 22 -10.80 2.65 -10.81
C GLN A 22 -12.05 2.86 -9.97
N ILE A 1 5.96 -10.42 10.45
CA ILE A 1 7.04 -10.16 9.51
C ILE A 1 7.04 -8.71 9.05
N GLU A 2 8.23 -8.15 8.86
CA GLU A 2 8.37 -6.77 8.43
C GLU A 2 7.53 -6.51 7.18
N GLU A 3 7.64 -7.39 6.20
CA GLU A 3 6.88 -7.26 4.95
C GLU A 3 5.41 -7.02 5.24
N GLN A 4 4.96 -7.46 6.42
CA GLN A 4 3.56 -7.31 6.81
C GLN A 4 3.42 -6.29 7.94
N ALA A 5 4.21 -5.23 7.88
CA ALA A 5 4.17 -4.19 8.90
C ALA A 5 5.01 -2.99 8.48
N LYS A 6 6.19 -3.25 7.92
CA LYS A 6 7.09 -2.19 7.48
C LYS A 6 6.75 -1.75 6.06
N THR A 7 6.40 -2.71 5.21
CA THR A 7 6.05 -2.42 3.82
C THR A 7 4.56 -2.55 3.59
N PHE A 8 3.83 -2.94 4.64
CA PHE A 8 2.38 -3.10 4.56
C PHE A 8 1.70 -1.77 4.29
N LEU A 9 2.46 -0.68 4.45
CA LEU A 9 1.92 0.66 4.23
C LEU A 9 2.23 1.14 2.81
N ASP A 10 3.11 0.41 2.13
CA ASP A 10 3.48 0.76 0.76
C ASP A 10 2.30 0.61 -0.19
N LYS A 11 1.34 -0.24 0.20
CA LYS A 11 0.15 -0.48 -0.61
C LYS A 11 -0.90 0.60 -0.36
N PHE A 12 -1.01 1.01 0.90
CA PHE A 12 -1.99 2.03 1.28
C PHE A 12 -1.58 3.40 0.73
N ASN A 13 -0.29 3.57 0.47
CA ASN A 13 0.22 4.83 -0.05
C ASN A 13 0.31 4.79 -1.58
N HIS A 14 0.44 3.58 -2.13
CA HIS A 14 0.52 3.41 -3.57
C HIS A 14 -0.85 3.14 -4.17
N GLU A 15 -1.47 2.05 -3.73
CA GLU A 15 -2.79 1.66 -4.22
C GLU A 15 -3.79 2.79 -4.03
N ALA A 16 -3.48 3.70 -3.11
CA ALA A 16 -4.35 4.84 -2.83
C ALA A 16 -4.42 5.78 -4.03
N GLU A 17 -3.38 5.77 -4.84
CA GLU A 17 -3.33 6.62 -6.03
C GLU A 17 -3.66 5.83 -7.29
N ASP A 18 -3.72 4.51 -7.15
CA ASP A 18 -4.04 3.64 -8.28
C ASP A 18 -5.52 3.28 -8.29
N LEU A 19 -6.10 3.10 -7.11
CA LEU A 19 -7.50 2.75 -6.99
C LEU A 19 -8.38 4.00 -7.00
N PHE A 20 -7.74 5.15 -6.84
CA PHE A 20 -8.47 6.42 -6.84
C PHE A 20 -9.17 6.65 -8.17
N TYR A 21 -8.76 5.91 -9.19
CA TYR A 21 -9.35 6.04 -10.51
C TYR A 21 -10.43 4.99 -10.73
N GLN A 22 -10.07 3.72 -10.60
CA GLN A 22 -11.02 2.62 -10.77
C GLN A 22 -12.25 2.83 -9.90
N ILE A 1 7.31 -11.26 8.17
CA ILE A 1 6.88 -10.39 9.26
C ILE A 1 6.89 -8.93 8.82
N GLU A 2 8.09 -8.39 8.63
CA GLU A 2 8.24 -7.00 8.21
C GLU A 2 7.40 -6.71 6.98
N GLU A 3 7.51 -7.58 5.98
CA GLU A 3 6.76 -7.42 4.74
C GLU A 3 5.27 -7.19 5.03
N GLN A 4 4.83 -7.64 6.19
CA GLN A 4 3.43 -7.47 6.58
C GLN A 4 3.30 -6.48 7.74
N ALA A 5 4.10 -5.42 7.69
CA ALA A 5 4.07 -4.39 8.72
C ALA A 5 4.92 -3.19 8.32
N LYS A 6 6.09 -3.45 7.76
CA LYS A 6 6.99 -2.40 7.34
C LYS A 6 6.66 -1.93 5.92
N THR A 7 6.31 -2.88 5.06
CA THR A 7 5.96 -2.56 3.67
C THR A 7 4.46 -2.67 3.45
N PHE A 8 3.74 -3.08 4.48
CA PHE A 8 2.29 -3.22 4.39
C PHE A 8 1.63 -1.87 4.14
N LEU A 9 2.38 -0.80 4.33
CA LEU A 9 1.87 0.55 4.13
C LEU A 9 2.18 1.04 2.72
N ASP A 10 3.05 0.32 2.02
CA ASP A 10 3.43 0.69 0.66
C ASP A 10 2.23 0.56 -0.29
N LYS A 11 1.28 -0.28 0.08
CA LYS A 11 0.09 -0.49 -0.73
C LYS A 11 -0.95 0.58 -0.46
N PHE A 12 -1.07 0.99 0.81
CA PHE A 12 -2.03 2.00 1.20
C PHE A 12 -1.61 3.37 0.67
N ASN A 13 -0.33 3.53 0.41
CA ASN A 13 0.20 4.80 -0.09
C ASN A 13 0.29 4.79 -1.61
N HIS A 14 0.41 3.59 -2.18
CA HIS A 14 0.51 3.44 -3.63
C HIS A 14 -0.87 3.17 -4.24
N GLU A 15 -1.50 2.09 -3.81
CA GLU A 15 -2.83 1.72 -4.31
C GLU A 15 -3.82 2.86 -4.10
N ALA A 16 -3.51 3.75 -3.17
CA ALA A 16 -4.37 4.89 -2.86
C ALA A 16 -4.43 5.85 -4.05
N GLU A 17 -3.39 5.84 -4.88
CA GLU A 17 -3.33 6.71 -6.04
C GLU A 17 -3.66 5.94 -7.31
N ASP A 18 -3.74 4.62 -7.19
CA ASP A 18 -4.06 3.77 -8.34
C ASP A 18 -5.54 3.43 -8.36
N LEU A 19 -6.12 3.23 -7.18
CA LEU A 19 -7.53 2.89 -7.06
C LEU A 19 -8.40 4.15 -7.06
N PHE A 20 -7.75 5.30 -6.89
CA PHE A 20 -8.46 6.57 -6.86
C PHE A 20 -9.16 6.83 -8.19
N TYR A 21 -8.75 6.10 -9.22
CA TYR A 21 -9.35 6.25 -10.54
C TYR A 21 -10.44 5.22 -10.77
N GLN A 22 -10.09 3.95 -10.66
CA GLN A 22 -11.04 2.86 -10.85
C GLN A 22 -12.28 3.07 -9.99
N ILE A 1 8.14 -10.91 8.44
CA ILE A 1 7.12 -10.17 9.18
C ILE A 1 7.09 -8.70 8.76
N GLU A 2 8.28 -8.13 8.58
CA GLU A 2 8.39 -6.73 8.18
C GLU A 2 7.55 -6.45 6.93
N GLU A 3 7.67 -7.31 5.93
CA GLU A 3 6.93 -7.16 4.69
C GLU A 3 5.44 -6.97 4.97
N GLN A 4 5.00 -7.43 6.14
CA GLN A 4 3.60 -7.31 6.53
C GLN A 4 3.44 -6.32 7.68
N ALA A 5 4.21 -5.24 7.64
CA ALA A 5 4.15 -4.22 8.68
C ALA A 5 4.98 -3.00 8.30
N LYS A 6 6.16 -3.23 7.74
CA LYS A 6 7.04 -2.15 7.33
C LYS A 6 6.70 -1.68 5.92
N THR A 7 6.37 -2.63 5.04
CA THR A 7 6.03 -2.31 3.67
C THR A 7 4.53 -2.46 3.43
N PHE A 8 3.81 -2.88 4.46
CA PHE A 8 2.37 -3.07 4.35
C PHE A 8 1.67 -1.74 4.11
N LEU A 9 2.40 -0.64 4.31
CA LEU A 9 1.85 0.69 4.12
C LEU A 9 2.16 1.20 2.71
N ASP A 10 3.05 0.51 2.01
CA ASP A 10 3.43 0.90 0.66
C ASP A 10 2.24 0.74 -0.30
N LYS A 11 1.30 -0.13 0.06
CA LYS A 11 0.13 -0.36 -0.77
C LYS A 11 -0.96 0.68 -0.48
N PHE A 12 -1.08 1.08 0.78
CA PHE A 12 -2.06 2.07 1.17
C PHE A 12 -1.68 3.46 0.66
N ASN A 13 -0.40 3.65 0.41
CA ASN A 13 0.10 4.92 -0.08
C ASN A 13 0.20 4.93 -1.61
N HIS A 14 0.36 3.74 -2.17
CA HIS A 14 0.46 3.60 -3.62
C HIS A 14 -0.91 3.31 -4.24
N GLU A 15 -1.52 2.20 -3.83
CA GLU A 15 -2.83 1.81 -4.34
C GLU A 15 -3.84 2.93 -4.13
N ALA A 16 -3.56 3.81 -3.18
CA ALA A 16 -4.46 4.93 -2.88
C ALA A 16 -4.54 5.90 -4.06
N GLU A 17 -3.49 5.92 -4.87
CA GLU A 17 -3.44 6.80 -6.03
C GLU A 17 -3.75 6.04 -7.32
N ASP A 18 -3.80 4.71 -7.21
CA ASP A 18 -4.09 3.85 -8.36
C ASP A 18 -5.56 3.47 -8.39
N LEU A 19 -6.14 3.25 -7.22
CA LEU A 19 -7.55 2.88 -7.11
C LEU A 19 -8.44 4.12 -7.10
N PHE A 20 -7.83 5.28 -6.91
CA PHE A 20 -8.57 6.54 -6.88
C PHE A 20 -9.27 6.79 -8.22
N TYR A 21 -8.84 6.07 -9.25
CA TYR A 21 -9.42 6.22 -10.58
C TYR A 21 -10.49 5.16 -10.82
N GLN A 22 -10.10 3.90 -10.70
CA GLN A 22 -11.03 2.79 -10.91
C GLN A 22 -12.28 2.96 -10.05
N ILE A 1 8.52 -10.99 8.67
CA ILE A 1 7.29 -10.38 9.15
C ILE A 1 7.22 -8.90 8.77
N GLU A 2 8.39 -8.28 8.59
CA GLU A 2 8.47 -6.88 8.22
C GLU A 2 7.63 -6.60 6.98
N GLU A 3 7.75 -7.47 5.98
CA GLU A 3 7.01 -7.32 4.74
C GLU A 3 5.51 -7.12 5.01
N GLN A 4 5.08 -7.59 6.18
CA GLN A 4 3.67 -7.48 6.56
C GLN A 4 3.50 -6.50 7.72
N ALA A 5 4.27 -5.41 7.69
CA ALA A 5 4.22 -4.40 8.74
C ALA A 5 5.04 -3.18 8.37
N LYS A 6 6.22 -3.40 7.81
CA LYS A 6 7.10 -2.32 7.40
C LYS A 6 6.76 -1.84 5.99
N THR A 7 6.45 -2.78 5.12
CA THR A 7 6.10 -2.45 3.74
C THR A 7 4.61 -2.60 3.50
N PHE A 8 3.88 -3.04 4.51
CA PHE A 8 2.44 -3.23 4.41
C PHE A 8 1.74 -1.89 4.17
N LEU A 9 2.47 -0.80 4.38
CA LEU A 9 1.91 0.54 4.19
C LEU A 9 2.22 1.06 2.79
N ASP A 10 3.12 0.37 2.09
CA ASP A 10 3.50 0.76 0.73
C ASP A 10 2.32 0.61 -0.22
N LYS A 11 1.38 -0.26 0.13
CA LYS A 11 0.21 -0.50 -0.71
C LYS A 11 -0.87 0.54 -0.42
N PHE A 12 -1.00 0.93 0.84
CA PHE A 12 -2.00 1.91 1.24
C PHE A 12 -1.61 3.31 0.74
N ASN A 13 -0.32 3.50 0.48
CA ASN A 13 0.17 4.78 0.00
C ASN A 13 0.27 4.79 -1.52
N HIS A 14 0.43 3.61 -2.10
CA HIS A 14 0.53 3.48 -3.55
C HIS A 14 -0.83 3.17 -4.17
N GLU A 15 -1.43 2.07 -3.75
CA GLU A 15 -2.74 1.68 -4.27
C GLU A 15 -3.76 2.79 -4.07
N ALA A 16 -3.48 3.67 -3.11
CA ALA A 16 -4.38 4.78 -2.82
C ALA A 16 -4.46 5.75 -3.98
N GLU A 17 -3.41 5.78 -4.80
CA GLU A 17 -3.36 6.66 -5.95
C GLU A 17 -3.67 5.90 -7.24
N ASP A 18 -3.71 4.58 -7.14
CA ASP A 18 -3.99 3.73 -8.29
C ASP A 18 -5.47 3.34 -8.33
N LEU A 19 -6.05 3.12 -7.16
CA LEU A 19 -7.46 2.75 -7.06
C LEU A 19 -8.35 3.98 -7.04
N PHE A 20 -7.74 5.14 -6.85
CA PHE A 20 -8.49 6.40 -6.82
C PHE A 20 -9.18 6.65 -8.15
N TYR A 21 -8.75 5.94 -9.18
CA TYR A 21 -9.33 6.09 -10.52
C TYR A 21 -10.40 5.03 -10.76
N GLN A 22 -10.01 3.77 -10.65
CA GLN A 22 -10.94 2.66 -10.85
C GLN A 22 -12.18 2.82 -9.98
N ILE A 1 8.16 -11.28 8.59
CA ILE A 1 7.05 -10.60 9.26
C ILE A 1 7.05 -9.11 8.90
N GLU A 2 8.22 -8.58 8.58
CA GLU A 2 8.33 -7.17 8.22
C GLU A 2 7.52 -6.86 6.96
N GLU A 3 7.68 -7.69 5.95
CA GLU A 3 6.97 -7.50 4.68
C GLU A 3 5.47 -7.32 4.93
N GLN A 4 5.00 -7.83 6.07
CA GLN A 4 3.59 -7.73 6.43
C GLN A 4 3.39 -6.78 7.60
N ALA A 5 4.15 -5.70 7.62
CA ALA A 5 4.06 -4.70 8.68
C ALA A 5 4.88 -3.46 8.36
N LYS A 6 6.08 -3.68 7.82
CA LYS A 6 6.96 -2.58 7.47
C LYS A 6 6.66 -2.07 6.06
N THR A 7 6.36 -2.99 5.15
CA THR A 7 6.05 -2.64 3.78
C THR A 7 4.56 -2.79 3.49
N PHE A 8 3.82 -3.25 4.49
CA PHE A 8 2.38 -3.44 4.35
C PHE A 8 1.68 -2.10 4.13
N LEU A 9 2.39 -1.01 4.37
CA LEU A 9 1.84 0.32 4.20
C LEU A 9 2.17 0.88 2.82
N ASP A 10 3.09 0.21 2.13
CA ASP A 10 3.50 0.63 0.80
C ASP A 10 2.34 0.51 -0.20
N LYS A 11 1.40 -0.38 0.12
CA LYS A 11 0.25 -0.60 -0.75
C LYS A 11 -0.84 0.43 -0.46
N PHE A 12 -1.00 0.78 0.80
CA PHE A 12 -2.02 1.76 1.20
C PHE A 12 -1.63 3.16 0.75
N ASN A 13 -0.33 3.37 0.54
CA ASN A 13 0.17 4.67 0.09
C ASN A 13 0.30 4.72 -1.43
N HIS A 14 0.48 3.54 -2.03
CA HIS A 14 0.61 3.45 -3.49
C HIS A 14 -0.74 3.18 -4.14
N GLU A 15 -1.36 2.06 -3.77
CA GLU A 15 -2.65 1.68 -4.32
C GLU A 15 -3.68 2.79 -4.11
N ALA A 16 -3.41 3.66 -3.14
CA ALA A 16 -4.32 4.77 -2.85
C ALA A 16 -4.36 5.76 -4.00
N GLU A 17 -3.29 5.80 -4.79
CA GLU A 17 -3.20 6.71 -5.93
C GLU A 17 -3.48 5.97 -7.24
N ASP A 18 -3.54 4.64 -7.16
CA ASP A 18 -3.78 3.82 -8.33
C ASP A 18 -5.26 3.42 -8.40
N LEU A 19 -5.87 3.19 -7.25
CA LEU A 19 -7.26 2.81 -7.18
C LEU A 19 -8.17 4.03 -7.18
N PHE A 20 -7.57 5.20 -6.94
CA PHE A 20 -8.32 6.44 -6.90
C PHE A 20 -9.00 6.72 -8.24
N TYR A 21 -8.53 6.04 -9.28
CA TYR A 21 -9.08 6.20 -10.62
C TYR A 21 -10.14 5.15 -10.91
N GLN A 22 -9.75 3.88 -10.82
CA GLN A 22 -10.66 2.78 -11.08
C GLN A 22 -11.93 2.91 -10.23
N ILE A 1 7.54 -10.51 11.64
CA ILE A 1 7.45 -10.27 10.21
C ILE A 1 7.52 -8.78 9.90
N GLU A 2 8.18 -8.44 8.81
CA GLU A 2 8.31 -7.05 8.40
C GLU A 2 7.49 -6.75 7.15
N GLU A 3 7.61 -7.63 6.15
CA GLU A 3 6.88 -7.46 4.90
C GLU A 3 5.39 -7.25 5.17
N GLN A 4 4.94 -7.70 6.33
CA GLN A 4 3.53 -7.56 6.71
C GLN A 4 3.38 -6.57 7.86
N ALA A 5 4.16 -5.50 7.82
CA ALA A 5 4.11 -4.48 8.86
C ALA A 5 4.95 -3.27 8.48
N LYS A 6 6.13 -3.52 7.93
CA LYS A 6 7.03 -2.45 7.52
C LYS A 6 6.71 -1.98 6.11
N THR A 7 6.38 -2.93 5.23
CA THR A 7 6.05 -2.61 3.86
C THR A 7 4.54 -2.73 3.61
N PHE A 8 3.82 -3.15 4.63
CA PHE A 8 2.38 -3.31 4.53
C PHE A 8 1.69 -1.97 4.28
N LEU A 9 2.44 -0.89 4.47
CA LEU A 9 1.91 0.46 4.27
C LEU A 9 2.22 0.96 2.86
N ASP A 10 3.11 0.25 2.17
CA ASP A 10 3.50 0.62 0.82
C ASP A 10 2.33 0.50 -0.14
N LYS A 11 1.38 -0.36 0.21
CA LYS A 11 0.19 -0.58 -0.62
C LYS A 11 -0.87 0.47 -0.35
N PHE A 12 -1.00 0.87 0.92
CA PHE A 12 -1.97 1.88 1.30
C PHE A 12 -1.56 3.25 0.79
N ASN A 13 -0.27 3.43 0.55
CA ASN A 13 0.24 4.70 0.06
C ASN A 13 0.35 4.69 -1.46
N HIS A 14 0.48 3.51 -2.03
CA HIS A 14 0.59 3.36 -3.49
C HIS A 14 -0.78 3.10 -4.11
N GLU A 15 -1.42 2.01 -3.69
CA GLU A 15 -2.73 1.64 -4.20
C GLU A 15 -3.71 2.79 -4.02
N ALA A 16 -3.42 3.67 -3.08
CA ALA A 16 -4.29 4.81 -2.79
C ALA A 16 -4.33 5.77 -3.98
N GLU A 17 -3.28 5.76 -4.78
CA GLU A 17 -3.20 6.63 -5.96
C GLU A 17 -3.51 5.86 -7.23
N ASP A 18 -3.60 4.54 -7.12
CA ASP A 18 -3.89 3.69 -8.26
C ASP A 18 -5.38 3.32 -8.30
N LEU A 19 -5.96 3.14 -7.12
CA LEU A 19 -7.37 2.78 -7.02
C LEU A 19 -8.25 4.03 -7.02
N PHE A 20 -7.62 5.19 -6.83
CA PHE A 20 -8.34 6.46 -6.83
C PHE A 20 -9.04 6.70 -8.16
N TYR A 21 -8.61 5.98 -9.18
CA TYR A 21 -9.18 6.12 -10.52
C TYR A 21 -10.27 5.07 -10.76
N GLN A 22 -9.90 3.80 -10.63
CA GLN A 22 -10.85 2.71 -10.83
C GLN A 22 -12.10 2.91 -9.98
N ILE A 1 5.84 -10.65 10.54
CA ILE A 1 6.94 -10.39 9.62
C ILE A 1 6.94 -8.92 9.17
N GLU A 2 8.14 -8.37 9.00
CA GLU A 2 8.29 -6.99 8.57
C GLU A 2 7.46 -6.70 7.32
N GLU A 3 7.58 -7.59 6.33
CA GLU A 3 6.85 -7.44 5.08
C GLU A 3 5.36 -7.22 5.34
N GLN A 4 4.90 -7.66 6.51
CA GLN A 4 3.50 -7.51 6.89
C GLN A 4 3.35 -6.50 8.02
N ALA A 5 4.13 -5.43 7.98
CA ALA A 5 4.08 -4.40 9.00
C ALA A 5 4.94 -3.19 8.60
N LYS A 6 6.12 -3.46 8.06
CA LYS A 6 7.02 -2.39 7.64
C LYS A 6 6.70 -1.94 6.22
N THR A 7 6.37 -2.90 5.35
CA THR A 7 6.05 -2.59 3.97
C THR A 7 4.54 -2.71 3.72
N PHE A 8 3.81 -3.12 4.75
CA PHE A 8 2.36 -3.27 4.64
C PHE A 8 1.68 -1.93 4.38
N LEU A 9 2.44 -0.85 4.56
CA LEU A 9 1.91 0.49 4.34
C LEU A 9 2.24 0.97 2.93
N ASP A 10 3.12 0.26 2.25
CA ASP A 10 3.52 0.61 0.89
C ASP A 10 2.34 0.47 -0.06
N LYS A 11 1.38 -0.38 0.30
CA LYS A 11 0.20 -0.60 -0.54
C LYS A 11 -0.85 0.47 -0.28
N PHE A 12 -0.98 0.88 0.98
CA PHE A 12 -1.96 1.89 1.36
C PHE A 12 -1.54 3.27 0.83
N ASN A 13 -0.25 3.43 0.59
CA ASN A 13 0.27 4.69 0.07
C ASN A 13 0.38 4.67 -1.45
N HIS A 14 0.51 3.47 -2.00
CA HIS A 14 0.63 3.31 -3.45
C HIS A 14 -0.74 3.04 -4.07
N GLU A 15 -1.39 1.96 -3.64
CA GLU A 15 -2.70 1.60 -4.16
C GLU A 15 -3.69 2.74 -3.98
N ALA A 16 -3.39 3.64 -3.05
CA ALA A 16 -4.25 4.79 -2.79
C ALA A 16 -4.29 5.73 -3.98
N GLU A 17 -3.24 5.71 -4.79
CA GLU A 17 -3.15 6.56 -5.96
C GLU A 17 -3.47 5.77 -7.23
N ASP A 18 -3.56 4.45 -7.10
CA ASP A 18 -3.85 3.59 -8.23
C ASP A 18 -5.33 3.23 -8.27
N LEU A 19 -5.93 3.06 -7.10
CA LEU A 19 -7.33 2.71 -6.99
C LEU A 19 -8.21 3.97 -7.01
N PHE A 20 -7.58 5.12 -6.84
CA PHE A 20 -8.29 6.40 -6.84
C PHE A 20 -8.99 6.63 -8.19
N TYR A 21 -8.55 5.88 -9.20
CA TYR A 21 -9.12 6.01 -10.53
C TYR A 21 -10.22 4.97 -10.76
N GLN A 22 -9.86 3.69 -10.61
CA GLN A 22 -10.80 2.60 -10.79
C GLN A 22 -12.06 2.83 -9.96
N ILE A 1 5.96 -10.57 10.50
CA ILE A 1 7.06 -10.29 9.59
C ILE A 1 7.05 -8.82 9.16
N GLU A 2 8.24 -8.25 8.99
CA GLU A 2 8.37 -6.86 8.58
C GLU A 2 7.55 -6.58 7.33
N GLU A 3 7.69 -7.45 6.33
CA GLU A 3 6.97 -7.31 5.08
C GLU A 3 5.48 -7.11 5.33
N GLN A 4 5.01 -7.57 6.49
CA GLN A 4 3.61 -7.45 6.85
C GLN A 4 3.42 -6.46 7.99
N ALA A 5 4.20 -5.38 7.96
CA ALA A 5 4.12 -4.35 8.99
C ALA A 5 4.94 -3.13 8.62
N LYS A 6 6.14 -3.37 8.08
CA LYS A 6 7.03 -2.28 7.68
C LYS A 6 6.72 -1.83 6.27
N THR A 7 6.41 -2.78 5.39
CA THR A 7 6.09 -2.48 4.00
C THR A 7 4.60 -2.62 3.74
N PHE A 8 3.86 -3.04 4.76
CA PHE A 8 2.41 -3.23 4.63
C PHE A 8 1.72 -1.90 4.37
N LEU A 9 2.44 -0.80 4.57
CA LEU A 9 1.90 0.53 4.36
C LEU A 9 2.24 1.04 2.96
N ASP A 10 3.14 0.34 2.28
CA ASP A 10 3.53 0.72 0.92
C ASP A 10 2.37 0.56 -0.05
N LYS A 11 1.42 -0.31 0.30
CA LYS A 11 0.26 -0.55 -0.54
C LYS A 11 -0.82 0.50 -0.30
N PHE A 12 -0.97 0.90 0.97
CA PHE A 12 -1.96 1.89 1.34
C PHE A 12 -1.57 3.28 0.83
N ASN A 13 -0.28 3.47 0.60
CA ASN A 13 0.23 4.74 0.11
C ASN A 13 0.35 4.73 -1.41
N HIS A 14 0.51 3.54 -1.98
CA HIS A 14 0.64 3.40 -3.43
C HIS A 14 -0.72 3.11 -4.06
N GLU A 15 -1.34 2.01 -3.64
CA GLU A 15 -2.64 1.63 -4.17
C GLU A 15 -3.66 2.76 -4.00
N ALA A 16 -3.39 3.65 -3.06
CA ALA A 16 -4.27 4.77 -2.79
C ALA A 16 -4.32 5.73 -3.99
N GLU A 17 -3.25 5.73 -4.79
CA GLU A 17 -3.18 6.60 -5.95
C GLU A 17 -3.47 5.82 -7.23
N ASP A 18 -3.53 4.50 -7.11
CA ASP A 18 -3.79 3.64 -8.25
C ASP A 18 -5.27 3.24 -8.30
N LEU A 19 -5.86 3.06 -7.12
CA LEU A 19 -7.27 2.69 -7.04
C LEU A 19 -8.17 3.93 -7.06
N PHE A 20 -7.56 5.09 -6.88
CA PHE A 20 -8.31 6.35 -6.88
C PHE A 20 -8.98 6.58 -8.23
N TYR A 21 -8.53 5.85 -9.23
CA TYR A 21 -9.09 5.98 -10.58
C TYR A 21 -10.16 4.92 -10.83
N GLN A 22 -9.78 3.65 -10.69
CA GLN A 22 -10.71 2.54 -10.89
C GLN A 22 -11.97 2.73 -10.05
N ILE A 1 7.92 -11.31 8.55
CA ILE A 1 7.10 -10.57 9.49
C ILE A 1 7.10 -9.07 9.16
N GLU A 2 8.20 -8.60 8.58
CA GLU A 2 8.32 -7.20 8.22
C GLU A 2 7.51 -6.88 6.97
N GLU A 3 7.67 -7.72 5.95
CA GLU A 3 6.95 -7.53 4.69
C GLU A 3 5.45 -7.35 4.94
N GLN A 4 4.98 -7.85 6.08
CA GLN A 4 3.57 -7.75 6.43
C GLN A 4 3.38 -6.80 7.60
N ALA A 5 4.15 -5.71 7.62
CA ALA A 5 4.05 -4.72 8.68
C ALA A 5 4.87 -3.49 8.36
N LYS A 6 6.08 -3.70 7.82
CA LYS A 6 6.96 -2.60 7.46
C LYS A 6 6.65 -2.09 6.06
N THR A 7 6.35 -3.02 5.15
CA THR A 7 6.05 -2.66 3.77
C THR A 7 4.55 -2.80 3.49
N PHE A 8 3.81 -3.27 4.49
CA PHE A 8 2.37 -3.46 4.35
C PHE A 8 1.67 -2.12 4.14
N LEU A 9 2.40 -1.03 4.37
CA LEU A 9 1.83 0.30 4.20
C LEU A 9 2.18 0.86 2.82
N ASP A 10 3.09 0.19 2.13
CA ASP A 10 3.50 0.61 0.79
C ASP A 10 2.34 0.48 -0.19
N LYS A 11 1.40 -0.40 0.12
CA LYS A 11 0.24 -0.62 -0.75
C LYS A 11 -0.85 0.42 -0.46
N PHE A 12 -1.01 0.77 0.80
CA PHE A 12 -2.01 1.75 1.21
C PHE A 12 -1.62 3.15 0.74
N ASN A 13 -0.32 3.36 0.53
CA ASN A 13 0.17 4.65 0.09
C ASN A 13 0.31 4.70 -1.43
N HIS A 14 0.48 3.52 -2.03
CA HIS A 14 0.62 3.43 -3.49
C HIS A 14 -0.73 3.16 -4.14
N GLU A 15 -1.36 2.04 -3.77
CA GLU A 15 -2.66 1.66 -4.32
C GLU A 15 -3.67 2.78 -4.12
N ALA A 16 -3.40 3.65 -3.14
CA ALA A 16 -4.31 4.76 -2.84
C ALA A 16 -4.35 5.76 -4.00
N GLU A 17 -3.28 5.79 -4.78
CA GLU A 17 -3.20 6.70 -5.92
C GLU A 17 -3.47 5.96 -7.23
N ASP A 18 -3.53 4.63 -7.15
CA ASP A 18 -3.78 3.81 -8.33
C ASP A 18 -5.25 3.41 -8.41
N LEU A 19 -5.86 3.18 -7.24
CA LEU A 19 -7.26 2.80 -7.18
C LEU A 19 -8.17 4.03 -7.16
N PHE A 20 -7.57 5.19 -6.94
CA PHE A 20 -8.32 6.45 -6.90
C PHE A 20 -8.99 6.72 -8.25
N TYR A 21 -8.53 6.04 -9.28
CA TYR A 21 -9.08 6.20 -10.62
C TYR A 21 -10.14 5.14 -10.91
N GLN A 22 -9.75 3.88 -10.82
CA GLN A 22 -10.67 2.78 -11.07
C GLN A 22 -11.93 2.93 -10.23
N ILE A 1 8.98 -10.36 11.20
CA ILE A 1 7.99 -9.98 10.20
C ILE A 1 8.04 -8.47 9.93
N GLU A 2 8.48 -8.11 8.73
CA GLU A 2 8.56 -6.71 8.34
C GLU A 2 7.74 -6.45 7.08
N GLU A 3 7.92 -7.29 6.07
CA GLU A 3 7.19 -7.14 4.81
C GLU A 3 5.69 -6.99 5.06
N GLN A 4 5.24 -7.48 6.22
CA GLN A 4 3.82 -7.40 6.57
C GLN A 4 3.61 -6.43 7.73
N ALA A 5 4.36 -5.33 7.72
CA ALA A 5 4.24 -4.32 8.77
C ALA A 5 5.04 -3.07 8.41
N LYS A 6 6.24 -3.27 7.88
CA LYS A 6 7.10 -2.16 7.50
C LYS A 6 6.78 -1.68 6.08
N THR A 7 6.50 -2.63 5.20
CA THR A 7 6.18 -2.31 3.81
C THR A 7 4.69 -2.49 3.54
N PHE A 8 3.97 -2.95 4.55
CA PHE A 8 2.52 -3.17 4.42
C PHE A 8 1.80 -1.86 4.17
N LEU A 9 2.50 -0.75 4.39
CA LEU A 9 1.91 0.58 4.20
C LEU A 9 2.24 1.11 2.80
N ASP A 10 3.16 0.44 2.11
CA ASP A 10 3.55 0.85 0.77
C ASP A 10 2.40 0.68 -0.20
N LYS A 11 1.48 -0.21 0.12
CA LYS A 11 0.32 -0.48 -0.73
C LYS A 11 -0.79 0.54 -0.46
N PHE A 12 -0.95 0.91 0.80
CA PHE A 12 -1.98 1.88 1.19
C PHE A 12 -1.62 3.27 0.70
N ASN A 13 -0.33 3.51 0.47
CA ASN A 13 0.14 4.80 0.01
C ASN A 13 0.26 4.82 -1.51
N HIS A 14 0.47 3.64 -2.10
CA HIS A 14 0.60 3.52 -3.55
C HIS A 14 -0.75 3.21 -4.20
N GLU A 15 -1.35 2.09 -3.79
CA GLU A 15 -2.63 1.68 -4.33
C GLU A 15 -3.68 2.77 -4.15
N ALA A 16 -3.43 3.66 -3.20
CA ALA A 16 -4.35 4.76 -2.92
C ALA A 16 -4.42 5.73 -4.09
N GLU A 17 -3.35 5.78 -4.88
CA GLU A 17 -3.29 6.66 -6.03
C GLU A 17 -3.55 5.89 -7.33
N ASP A 18 -3.58 4.57 -7.23
CA ASP A 18 -3.82 3.72 -8.38
C ASP A 18 -5.29 3.29 -8.45
N LEU A 19 -5.88 3.07 -7.28
CA LEU A 19 -7.28 2.66 -7.20
C LEU A 19 -8.21 3.87 -7.21
N PHE A 20 -7.63 5.05 -7.00
CA PHE A 20 -8.40 6.28 -6.99
C PHE A 20 -9.08 6.52 -8.33
N TYR A 21 -8.62 5.82 -9.35
CA TYR A 21 -9.17 5.96 -10.69
C TYR A 21 -10.21 4.87 -10.97
N GLN A 22 -9.79 3.61 -10.84
CA GLN A 22 -10.70 2.49 -11.07
C GLN A 22 -11.96 2.62 -10.23
N ILE A 1 7.89 -10.45 11.56
CA ILE A 1 7.68 -10.21 10.14
C ILE A 1 7.72 -8.71 9.82
N GLU A 2 8.39 -8.37 8.72
CA GLU A 2 8.49 -6.97 8.31
C GLU A 2 7.65 -6.70 7.07
N GLU A 3 7.78 -7.57 6.07
CA GLU A 3 7.03 -7.42 4.83
C GLU A 3 5.55 -7.23 5.11
N GLN A 4 5.10 -7.69 6.28
CA GLN A 4 3.71 -7.57 6.68
C GLN A 4 3.55 -6.58 7.82
N ALA A 5 4.31 -5.50 7.77
CA ALA A 5 4.25 -4.48 8.82
C ALA A 5 5.07 -3.25 8.42
N LYS A 6 6.25 -3.48 7.87
CA LYS A 6 7.13 -2.40 7.44
C LYS A 6 6.79 -1.93 6.04
N THR A 7 6.46 -2.89 5.16
CA THR A 7 6.11 -2.58 3.79
C THR A 7 4.62 -2.73 3.55
N PHE A 8 3.89 -3.16 4.59
CA PHE A 8 2.46 -3.34 4.50
C PHE A 8 1.75 -2.01 4.24
N LEU A 9 2.48 -0.92 4.43
CA LEU A 9 1.93 0.41 4.23
C LEU A 9 2.23 0.92 2.82
N ASP A 10 3.13 0.23 2.13
CA ASP A 10 3.49 0.61 0.78
C ASP A 10 2.31 0.47 -0.18
N LYS A 11 1.37 -0.40 0.18
CA LYS A 11 0.19 -0.64 -0.64
C LYS A 11 -0.88 0.41 -0.35
N PHE A 12 -1.03 0.77 0.91
CA PHE A 12 -2.02 1.77 1.31
C PHE A 12 -1.64 3.15 0.80
N ASN A 13 -0.35 3.35 0.53
CA ASN A 13 0.15 4.63 0.04
C ASN A 13 0.23 4.63 -1.49
N HIS A 14 0.36 3.44 -2.06
CA HIS A 14 0.45 3.29 -3.52
C HIS A 14 -0.93 3.03 -4.12
N GLU A 15 -1.56 1.94 -3.68
CA GLU A 15 -2.89 1.59 -4.19
C GLU A 15 -3.87 2.75 -4.01
N ALA A 16 -3.56 3.64 -3.08
CA ALA A 16 -4.41 4.79 -2.81
C ALA A 16 -4.44 5.74 -4.01
N GLU A 17 -3.39 5.69 -4.82
CA GLU A 17 -3.29 6.55 -6.00
C GLU A 17 -3.57 5.75 -7.28
N ASP A 18 -3.69 4.43 -7.13
CA ASP A 18 -3.94 3.56 -8.26
C ASP A 18 -5.42 3.20 -8.34
N LEU A 19 -6.05 3.03 -7.18
CA LEU A 19 -7.46 2.67 -7.10
C LEU A 19 -8.34 3.93 -7.11
N PHE A 20 -7.71 5.08 -6.92
CA PHE A 20 -8.42 6.35 -6.91
C PHE A 20 -9.09 6.62 -8.26
N TYR A 21 -8.65 5.88 -9.28
CA TYR A 21 -9.19 6.04 -10.62
C TYR A 21 -10.27 5.01 -10.90
N GLN A 22 -9.92 3.73 -10.78
CA GLN A 22 -10.85 2.65 -11.01
C GLN A 22 -12.13 2.84 -10.18
N ILE A 1 5.82 -10.47 10.60
CA ILE A 1 6.92 -10.23 9.68
C ILE A 1 6.94 -8.78 9.22
N GLU A 2 8.14 -8.24 9.03
CA GLU A 2 8.30 -6.86 8.58
C GLU A 2 7.47 -6.60 7.32
N GLU A 3 7.59 -7.49 6.35
CA GLU A 3 6.85 -7.36 5.10
C GLU A 3 5.37 -7.13 5.36
N GLN A 4 4.91 -7.54 6.54
CA GLN A 4 3.51 -7.38 6.91
C GLN A 4 3.36 -6.36 8.02
N ALA A 5 4.16 -5.30 7.95
CA ALA A 5 4.11 -4.24 8.97
C ALA A 5 4.96 -3.06 8.55
N LYS A 6 6.15 -3.33 8.02
CA LYS A 6 7.05 -2.27 7.57
C LYS A 6 6.73 -1.85 6.15
N THR A 7 6.39 -2.81 5.31
CA THR A 7 6.07 -2.53 3.90
C THR A 7 4.57 -2.65 3.66
N PHE A 8 3.83 -3.03 4.70
CA PHE A 8 2.39 -3.18 4.60
C PHE A 8 1.71 -1.84 4.30
N LEU A 9 2.47 -0.77 4.48
CA LEU A 9 1.96 0.58 4.23
C LEU A 9 2.28 1.04 2.82
N ASP A 10 3.18 0.31 2.15
CA ASP A 10 3.58 0.65 0.79
C ASP A 10 2.40 0.53 -0.16
N LYS A 11 1.43 -0.30 0.20
CA LYS A 11 0.24 -0.50 -0.62
C LYS A 11 -0.79 0.59 -0.38
N PHE A 12 -1.01 0.91 0.89
CA PHE A 12 -1.97 1.95 1.25
C PHE A 12 -1.55 3.31 0.70
N ASN A 13 -0.27 3.45 0.42
CA ASN A 13 0.27 4.70 -0.12
C ASN A 13 0.35 4.64 -1.64
N HIS A 14 0.43 3.43 -2.19
CA HIS A 14 0.50 3.25 -3.63
C HIS A 14 -0.89 3.01 -4.21
N GLU A 15 -1.53 1.93 -3.78
CA GLU A 15 -2.86 1.58 -4.27
C GLU A 15 -3.83 2.74 -4.06
N ALA A 16 -3.49 3.64 -3.13
CA ALA A 16 -4.32 4.79 -2.84
C ALA A 16 -4.37 5.75 -4.03
N GLU A 17 -3.34 5.70 -4.86
CA GLU A 17 -3.26 6.57 -6.04
C GLU A 17 -3.61 5.79 -7.31
N ASP A 18 -3.72 4.48 -7.18
CA ASP A 18 -4.03 3.61 -8.31
C ASP A 18 -5.51 3.26 -8.32
N LEU A 19 -6.09 3.11 -7.13
CA LEU A 19 -7.50 2.76 -7.00
C LEU A 19 -8.37 4.02 -6.99
N PHE A 20 -7.73 5.17 -6.82
CA PHE A 20 -8.44 6.45 -6.80
C PHE A 20 -9.16 6.70 -8.12
N TYR A 21 -8.75 5.96 -9.15
CA TYR A 21 -9.35 6.11 -10.48
C TYR A 21 -10.45 5.08 -10.70
N GLN A 22 -10.09 3.80 -10.59
CA GLN A 22 -11.04 2.72 -10.78
C GLN A 22 -12.28 2.93 -9.90
N ILE A 1 6.51 -10.73 10.57
CA ILE A 1 7.48 -10.31 9.56
C ILE A 1 7.30 -8.84 9.21
N GLU A 2 8.42 -8.16 8.93
CA GLU A 2 8.38 -6.75 8.59
C GLU A 2 7.68 -6.52 7.26
N GLU A 3 7.48 -7.62 6.51
CA GLU A 3 6.82 -7.53 5.22
C GLU A 3 5.32 -7.29 5.38
N GLN A 4 4.79 -7.67 6.54
CA GLN A 4 3.37 -7.50 6.81
C GLN A 4 3.15 -6.48 7.93
N ALA A 5 4.06 -5.51 8.03
CA ALA A 5 3.97 -4.48 9.06
C ALA A 5 4.85 -3.28 8.71
N LYS A 6 6.01 -3.55 8.13
CA LYS A 6 6.93 -2.50 7.74
C LYS A 6 6.62 -1.98 6.35
N THR A 7 6.34 -2.90 5.43
CA THR A 7 6.02 -2.54 4.05
C THR A 7 4.53 -2.69 3.78
N PHE A 8 3.78 -3.12 4.78
CA PHE A 8 2.34 -3.30 4.66
C PHE A 8 1.65 -1.97 4.40
N LEU A 9 2.38 -0.88 4.61
CA LEU A 9 1.83 0.46 4.41
C LEU A 9 2.16 0.98 3.01
N ASP A 10 3.08 0.29 2.34
CA ASP A 10 3.48 0.68 0.98
C ASP A 10 2.32 0.53 0.01
N LYS A 11 1.38 -0.34 0.35
CA LYS A 11 0.22 -0.58 -0.51
C LYS A 11 -0.86 0.48 -0.25
N PHE A 12 -1.05 0.83 1.01
CA PHE A 12 -2.04 1.82 1.39
C PHE A 12 -1.66 3.22 0.89
N ASN A 13 -0.36 3.41 0.66
CA ASN A 13 0.14 4.69 0.18
C ASN A 13 0.26 4.69 -1.34
N HIS A 14 0.42 3.50 -1.92
CA HIS A 14 0.53 3.36 -3.36
C HIS A 14 -0.83 3.10 -4.01
N GLU A 15 -1.47 2.01 -3.58
CA GLU A 15 -2.78 1.65 -4.12
C GLU A 15 -3.77 2.79 -3.95
N ALA A 16 -3.48 3.69 -3.01
CA ALA A 16 -4.34 4.83 -2.75
C ALA A 16 -4.37 5.79 -3.94
N GLU A 17 -3.31 5.76 -4.73
CA GLU A 17 -3.21 6.62 -5.91
C GLU A 17 -3.49 5.85 -7.19
N ASP A 18 -3.57 4.53 -7.06
CA ASP A 18 -3.84 3.67 -8.21
C ASP A 18 -5.32 3.29 -8.26
N LEU A 19 -5.90 3.04 -7.10
CA LEU A 19 -7.31 2.65 -7.02
C LEU A 19 -8.21 3.88 -7.09
N PHE A 20 -7.61 5.06 -6.88
CA PHE A 20 -8.36 6.31 -6.93
C PHE A 20 -8.94 6.55 -8.31
N TYR A 21 -8.43 5.81 -9.30
CA TYR A 21 -8.89 5.94 -10.68
C TYR A 21 -10.03 4.96 -10.97
N GLN A 22 -9.74 3.68 -10.82
CA GLN A 22 -10.74 2.64 -11.07
C GLN A 22 -11.99 2.89 -10.24
N ILE A 1 5.90 -10.57 10.50
CA ILE A 1 6.98 -10.31 9.55
C ILE A 1 6.98 -8.84 9.12
N GLU A 2 8.18 -8.29 8.94
CA GLU A 2 8.31 -6.90 8.53
C GLU A 2 7.48 -6.62 7.28
N GLU A 3 7.61 -7.50 6.28
CA GLU A 3 6.88 -7.34 5.04
C GLU A 3 5.39 -7.12 5.30
N GLN A 4 4.93 -7.58 6.47
CA GLN A 4 3.53 -7.44 6.85
C GLN A 4 3.37 -6.44 7.99
N ALA A 5 4.15 -5.37 7.94
CA ALA A 5 4.10 -4.33 8.98
C ALA A 5 4.93 -3.13 8.59
N LYS A 6 6.12 -3.38 8.04
CA LYS A 6 7.02 -2.31 7.63
C LYS A 6 6.69 -1.85 6.21
N THR A 7 6.37 -2.80 5.34
CA THR A 7 6.03 -2.49 3.96
C THR A 7 4.54 -2.63 3.70
N PHE A 8 3.81 -3.03 4.73
CA PHE A 8 2.36 -3.20 4.62
C PHE A 8 1.68 -1.87 4.37
N LEU A 9 2.42 -0.78 4.57
CA LEU A 9 1.89 0.56 4.34
C LEU A 9 2.21 1.06 2.94
N ASP A 10 3.10 0.34 2.25
CA ASP A 10 3.49 0.72 0.90
C ASP A 10 2.32 0.57 -0.07
N LYS A 11 1.37 -0.28 0.29
CA LYS A 11 0.19 -0.52 -0.53
C LYS A 11 -0.87 0.54 -0.27
N PHE A 12 -1.00 0.95 0.98
CA PHE A 12 -1.99 1.95 1.36
C PHE A 12 -1.59 3.33 0.85
N ASN A 13 -0.29 3.51 0.59
CA ASN A 13 0.23 4.78 0.09
C ASN A 13 0.32 4.76 -1.43
N HIS A 14 0.48 3.56 -1.98
CA HIS A 14 0.58 3.41 -3.44
C HIS A 14 -0.78 3.13 -4.05
N GLU A 15 -1.40 2.05 -3.63
CA GLU A 15 -2.71 1.66 -4.14
C GLU A 15 -3.73 2.78 -3.94
N ALA A 16 -3.42 3.69 -3.02
CA ALA A 16 -4.30 4.82 -2.73
C ALA A 16 -4.37 5.77 -3.91
N GLU A 17 -3.31 5.77 -4.72
CA GLU A 17 -3.26 6.65 -5.89
C GLU A 17 -3.56 5.88 -7.17
N ASP A 18 -3.62 4.56 -7.07
CA ASP A 18 -3.91 3.70 -8.21
C ASP A 18 -5.38 3.30 -8.22
N LEU A 19 -5.92 3.03 -7.05
CA LEU A 19 -7.31 2.61 -6.92
C LEU A 19 -8.24 3.82 -6.97
N PHE A 20 -7.68 5.01 -6.77
CA PHE A 20 -8.44 6.24 -6.79
C PHE A 20 -9.04 6.49 -8.17
N TYR A 21 -8.54 5.76 -9.16
CA TYR A 21 -9.03 5.90 -10.52
C TYR A 21 -10.16 4.92 -10.81
N GLN A 22 -9.87 3.63 -10.65
CA GLN A 22 -10.87 2.60 -10.88
C GLN A 22 -12.12 2.85 -10.06
N ILE A 1 6.06 -10.66 10.50
CA ILE A 1 7.12 -10.32 9.57
C ILE A 1 7.06 -8.85 9.16
N GLU A 2 8.23 -8.24 8.99
CA GLU A 2 8.31 -6.83 8.61
C GLU A 2 7.50 -6.57 7.35
N GLU A 3 7.64 -7.45 6.36
CA GLU A 3 6.92 -7.31 5.10
C GLU A 3 5.43 -7.12 5.34
N GLN A 4 4.97 -7.57 6.50
CA GLN A 4 3.56 -7.45 6.86
C GLN A 4 3.36 -6.46 8.00
N ALA A 5 4.13 -5.38 7.98
CA ALA A 5 4.05 -4.36 9.02
C ALA A 5 4.87 -3.14 8.65
N LYS A 6 6.07 -3.37 8.12
CA LYS A 6 6.96 -2.28 7.72
C LYS A 6 6.65 -1.83 6.30
N THR A 7 6.35 -2.77 5.43
CA THR A 7 6.04 -2.45 4.04
C THR A 7 4.55 -2.61 3.76
N PHE A 8 3.80 -3.04 4.78
CA PHE A 8 2.36 -3.23 4.64
C PHE A 8 1.67 -1.90 4.38
N LEU A 9 2.39 -0.80 4.59
CA LEU A 9 1.83 0.53 4.38
C LEU A 9 2.17 1.04 2.98
N ASP A 10 3.08 0.34 2.31
CA ASP A 10 3.49 0.72 0.96
C ASP A 10 2.33 0.57 -0.02
N LYS A 11 1.39 -0.30 0.31
CA LYS A 11 0.23 -0.54 -0.54
C LYS A 11 -0.86 0.50 -0.29
N PHE A 12 -1.02 0.89 0.98
CA PHE A 12 -2.03 1.87 1.35
C PHE A 12 -1.63 3.26 0.85
N ASN A 13 -0.34 3.46 0.62
CA ASN A 13 0.17 4.74 0.13
C ASN A 13 0.30 4.73 -1.39
N HIS A 14 0.46 3.55 -1.96
CA HIS A 14 0.59 3.41 -3.40
C HIS A 14 -0.76 3.12 -4.05
N GLU A 15 -1.39 2.03 -3.64
CA GLU A 15 -2.69 1.65 -4.16
C GLU A 15 -3.71 2.77 -3.99
N ALA A 16 -3.42 3.67 -3.06
CA ALA A 16 -4.32 4.79 -2.79
C ALA A 16 -4.36 5.76 -3.96
N GLU A 17 -3.29 5.76 -4.76
CA GLU A 17 -3.21 6.63 -5.93
C GLU A 17 -3.49 5.87 -7.21
N ASP A 18 -3.55 4.54 -7.10
CA ASP A 18 -3.81 3.69 -8.25
C ASP A 18 -5.27 3.27 -8.30
N LEU A 19 -5.84 3.01 -7.13
CA LEU A 19 -7.24 2.59 -7.03
C LEU A 19 -8.17 3.80 -7.10
N PHE A 20 -7.60 4.99 -6.89
CA PHE A 20 -8.38 6.21 -6.92
C PHE A 20 -8.96 6.46 -8.32
N TYR A 21 -8.43 5.73 -9.30
CA TYR A 21 -8.89 5.86 -10.67
C TYR A 21 -10.02 4.88 -10.97
N GLN A 22 -9.73 3.59 -10.81
CA GLN A 22 -10.72 2.55 -11.06
C GLN A 22 -11.99 2.81 -10.27
N ILE A 1 7.42 -11.36 8.22
CA ILE A 1 6.92 -10.51 9.31
C ILE A 1 6.92 -9.05 8.90
N GLU A 2 8.12 -8.50 8.69
CA GLU A 2 8.26 -7.10 8.29
C GLU A 2 7.42 -6.80 7.05
N GLU A 3 7.55 -7.66 6.05
CA GLU A 3 6.81 -7.48 4.79
C GLU A 3 5.32 -7.28 5.07
N GLN A 4 4.86 -7.74 6.23
CA GLN A 4 3.47 -7.60 6.61
C GLN A 4 3.31 -6.63 7.77
N ALA A 5 4.10 -5.56 7.75
CA ALA A 5 4.05 -4.54 8.79
C ALA A 5 4.89 -3.32 8.42
N LYS A 6 6.07 -3.58 7.86
CA LYS A 6 6.97 -2.50 7.46
C LYS A 6 6.65 -2.02 6.06
N THR A 7 6.32 -2.95 5.17
CA THR A 7 5.98 -2.63 3.79
C THR A 7 4.48 -2.76 3.54
N PHE A 8 3.75 -3.18 4.57
CA PHE A 8 2.31 -3.33 4.46
C PHE A 8 1.63 -1.99 4.23
N LEU A 9 2.37 -0.92 4.43
CA LEU A 9 1.84 0.43 4.24
C LEU A 9 2.16 0.95 2.84
N ASP A 10 3.05 0.25 2.15
CA ASP A 10 3.43 0.63 0.79
C ASP A 10 2.26 0.52 -0.17
N LYS A 11 1.31 -0.35 0.18
CA LYS A 11 0.12 -0.56 -0.65
C LYS A 11 -0.93 0.51 -0.38
N PHE A 12 -1.07 0.88 0.90
CA PHE A 12 -2.05 1.88 1.30
C PHE A 12 -1.65 3.26 0.80
N ASN A 13 -0.36 3.43 0.53
CA ASN A 13 0.17 4.71 0.05
C ASN A 13 0.27 4.71 -1.47
N HIS A 14 0.41 3.53 -2.05
CA HIS A 14 0.51 3.40 -3.51
C HIS A 14 -0.85 3.12 -4.13
N GLU A 15 -1.47 2.03 -3.72
CA GLU A 15 -2.77 1.65 -4.24
C GLU A 15 -3.79 2.76 -4.01
N ALA A 16 -3.49 3.65 -3.06
CA ALA A 16 -4.37 4.76 -2.75
C ALA A 16 -4.44 5.75 -3.91
N GLU A 17 -3.39 5.79 -4.71
CA GLU A 17 -3.33 6.69 -5.85
C GLU A 17 -3.72 5.97 -7.14
N ASP A 18 -3.75 4.65 -7.08
CA ASP A 18 -4.11 3.84 -8.24
C ASP A 18 -5.60 3.51 -8.23
N LEU A 19 -6.13 3.21 -7.05
CA LEU A 19 -7.54 2.87 -6.91
C LEU A 19 -8.41 4.13 -6.93
N PHE A 20 -7.78 5.27 -6.73
CA PHE A 20 -8.49 6.54 -6.72
C PHE A 20 -9.09 6.84 -8.09
N TYR A 21 -8.64 6.09 -9.10
CA TYR A 21 -9.13 6.27 -10.46
C TYR A 21 -10.32 5.35 -10.73
N GLN A 22 -10.10 4.05 -10.61
CA GLN A 22 -11.16 3.06 -10.84
C GLN A 22 -12.36 3.35 -9.96
N ILE A 1 5.74 -9.82 11.48
CA ILE A 1 6.84 -9.68 10.52
C ILE A 1 6.86 -8.29 9.90
N GLU A 2 8.06 -7.77 9.67
CA GLU A 2 8.23 -6.45 9.08
C GLU A 2 7.42 -6.32 7.79
N GLU A 3 7.51 -7.34 6.95
CA GLU A 3 6.79 -7.35 5.68
C GLU A 3 5.31 -7.04 5.88
N GLN A 4 4.83 -7.29 7.10
CA GLN A 4 3.43 -7.04 7.42
C GLN A 4 3.30 -5.88 8.41
N ALA A 5 4.13 -4.87 8.23
CA ALA A 5 4.10 -3.69 9.10
C ALA A 5 5.00 -2.58 8.55
N LYS A 6 6.18 -2.97 8.07
CA LYS A 6 7.13 -2.01 7.52
C LYS A 6 6.84 -1.74 6.05
N THR A 7 6.48 -2.80 5.32
CA THR A 7 6.18 -2.69 3.90
C THR A 7 4.68 -2.78 3.65
N PHE A 8 3.92 -3.01 4.71
CA PHE A 8 2.47 -3.12 4.60
C PHE A 8 1.86 -1.79 4.15
N LEU A 9 2.65 -0.74 4.21
CA LEU A 9 2.18 0.59 3.81
C LEU A 9 2.55 0.88 2.36
N ASP A 10 3.47 0.09 1.81
CA ASP A 10 3.90 0.26 0.43
C ASP A 10 2.71 0.22 -0.52
N LYS A 11 1.71 -0.60 -0.18
CA LYS A 11 0.52 -0.73 -1.01
C LYS A 11 -0.50 0.36 -0.67
N PHE A 12 -0.74 0.56 0.63
CA PHE A 12 -1.69 1.56 1.09
C PHE A 12 -1.24 2.96 0.66
N ASN A 13 0.03 3.09 0.31
CA ASN A 13 0.57 4.38 -0.12
C ASN A 13 0.60 4.47 -1.64
N HIS A 14 0.76 3.33 -2.30
CA HIS A 14 0.80 3.28 -3.77
C HIS A 14 -0.60 3.06 -4.34
N GLU A 15 -1.20 1.93 -3.99
CA GLU A 15 -2.54 1.59 -4.47
C GLU A 15 -3.54 2.70 -4.13
N ALA A 16 -3.19 3.51 -3.13
CA ALA A 16 -4.05 4.60 -2.71
C ALA A 16 -4.17 5.66 -3.80
N GLU A 17 -3.16 5.73 -4.66
CA GLU A 17 -3.14 6.70 -5.75
C GLU A 17 -3.50 6.05 -7.07
N ASP A 18 -3.56 4.72 -7.07
CA ASP A 18 -3.89 3.96 -8.27
C ASP A 18 -5.38 3.56 -8.27
N LEU A 19 -5.90 3.29 -7.08
CA LEU A 19 -7.30 2.88 -6.94
C LEU A 19 -8.20 4.11 -6.79
N PHE A 20 -7.59 5.27 -6.54
CA PHE A 20 -8.33 6.50 -6.38
C PHE A 20 -9.09 6.86 -7.66
N TYR A 21 -8.69 6.23 -8.76
CA TYR A 21 -9.33 6.48 -10.05
C TYR A 21 -10.41 5.44 -10.34
N GLN A 22 -10.02 4.17 -10.35
CA GLN A 22 -10.96 3.08 -10.60
C GLN A 22 -12.16 3.17 -9.67
N ILE A 1 7.50 -10.98 8.53
CA ILE A 1 7.92 -10.29 9.74
C ILE A 1 7.83 -8.78 9.58
N GLU A 2 8.43 -8.27 8.50
CA GLU A 2 8.41 -6.83 8.23
C GLU A 2 7.67 -6.53 6.94
N GLU A 3 7.41 -7.59 6.16
CA GLU A 3 6.70 -7.43 4.89
C GLU A 3 5.21 -7.20 5.13
N GLN A 4 4.70 -7.69 6.25
CA GLN A 4 3.30 -7.53 6.59
C GLN A 4 3.13 -6.57 7.76
N ALA A 5 4.05 -5.62 7.88
CA ALA A 5 4.00 -4.63 8.96
C ALA A 5 4.84 -3.41 8.61
N LYS A 6 6.00 -3.64 8.00
CA LYS A 6 6.90 -2.55 7.62
C LYS A 6 6.56 -2.04 6.23
N THR A 7 6.23 -2.96 5.32
CA THR A 7 5.90 -2.60 3.96
C THR A 7 4.40 -2.74 3.70
N PHE A 8 3.67 -3.18 4.73
CA PHE A 8 2.23 -3.36 4.61
C PHE A 8 1.54 -2.01 4.38
N LEU A 9 2.27 -0.93 4.59
CA LEU A 9 1.73 0.41 4.41
C LEU A 9 2.06 0.93 3.02
N ASP A 10 2.95 0.25 2.32
CA ASP A 10 3.33 0.64 0.97
C ASP A 10 2.16 0.50 0.00
N LYS A 11 1.22 -0.36 0.34
CA LYS A 11 0.04 -0.59 -0.50
C LYS A 11 -1.03 0.46 -0.21
N PHE A 12 -1.17 0.85 1.05
CA PHE A 12 -2.15 1.84 1.45
C PHE A 12 -1.75 3.23 0.96
N ASN A 13 -0.46 3.42 0.71
CA ASN A 13 0.05 4.71 0.24
C ASN A 13 0.15 4.72 -1.28
N HIS A 14 0.31 3.54 -1.87
CA HIS A 14 0.42 3.40 -3.32
C HIS A 14 -0.94 3.13 -3.95
N GLU A 15 -1.57 2.03 -3.54
CA GLU A 15 -2.87 1.65 -4.07
C GLU A 15 -3.88 2.76 -3.86
N ALA A 16 -3.60 3.65 -2.91
CA ALA A 16 -4.48 4.77 -2.62
C ALA A 16 -4.56 5.74 -3.79
N GLU A 17 -3.49 5.78 -4.59
CA GLU A 17 -3.43 6.66 -5.74
C GLU A 17 -3.69 5.89 -7.03
N ASP A 18 -3.71 4.56 -6.93
CA ASP A 18 -3.94 3.71 -8.08
C ASP A 18 -5.41 3.29 -8.17
N LEU A 19 -6.02 3.12 -7.01
CA LEU A 19 -7.43 2.71 -6.95
C LEU A 19 -8.35 3.90 -7.15
N PHE A 20 -7.78 5.10 -7.13
CA PHE A 20 -8.55 6.32 -7.31
C PHE A 20 -8.93 6.51 -8.78
N TYR A 21 -8.34 5.70 -9.65
CA TYR A 21 -8.62 5.77 -11.08
C TYR A 21 -9.79 4.86 -11.44
N GLN A 22 -9.63 3.57 -11.17
CA GLN A 22 -10.67 2.60 -11.47
C GLN A 22 -11.99 2.97 -10.80
N ILE A 1 8.66 -11.15 8.31
CA ILE A 1 7.58 -10.60 9.12
C ILE A 1 7.39 -9.12 8.83
N GLU A 2 8.47 -8.44 8.49
CA GLU A 2 8.43 -7.01 8.18
C GLU A 2 7.69 -6.76 6.87
N GLU A 3 7.47 -7.83 6.11
CA GLU A 3 6.79 -7.72 4.82
C GLU A 3 5.29 -7.48 5.03
N GLN A 4 4.79 -7.89 6.19
CA GLN A 4 3.37 -7.72 6.51
C GLN A 4 3.18 -6.74 7.66
N ALA A 5 4.09 -5.78 7.76
CA ALA A 5 4.03 -4.78 8.81
C ALA A 5 4.89 -3.56 8.48
N LYS A 6 6.04 -3.82 7.87
CA LYS A 6 6.96 -2.75 7.49
C LYS A 6 6.62 -2.20 6.11
N THR A 7 6.31 -3.10 5.18
CA THR A 7 5.96 -2.70 3.82
C THR A 7 4.46 -2.84 3.57
N PHE A 8 3.74 -3.30 4.60
CA PHE A 8 2.30 -3.48 4.48
C PHE A 8 1.60 -2.14 4.29
N LEU A 9 2.33 -1.05 4.52
CA LEU A 9 1.78 0.29 4.36
C LEU A 9 2.07 0.84 2.97
N ASP A 10 2.98 0.18 2.25
CA ASP A 10 3.35 0.60 0.91
C ASP A 10 2.16 0.46 -0.05
N LYS A 11 1.23 -0.42 0.28
CA LYS A 11 0.06 -0.63 -0.55
C LYS A 11 -1.02 0.39 -0.25
N PHE A 12 -1.14 0.76 1.03
CA PHE A 12 -2.14 1.73 1.45
C PHE A 12 -1.77 3.14 0.98
N ASN A 13 -0.48 3.35 0.72
CA ASN A 13 0.01 4.64 0.27
C ASN A 13 0.10 4.68 -1.26
N HIS A 14 0.27 3.50 -1.87
CA HIS A 14 0.37 3.39 -3.31
C HIS A 14 -0.99 3.11 -3.93
N GLU A 15 -1.60 2.00 -3.53
CA GLU A 15 -2.91 1.61 -4.06
C GLU A 15 -3.93 2.71 -3.83
N ALA A 16 -3.65 3.59 -2.87
CA ALA A 16 -4.54 4.70 -2.55
C ALA A 16 -4.64 5.68 -3.71
N GLU A 17 -3.58 5.73 -4.52
CA GLU A 17 -3.54 6.64 -5.66
C GLU A 17 -3.80 5.88 -6.96
N ASP A 18 -3.80 4.55 -6.87
CA ASP A 18 -4.04 3.72 -8.04
C ASP A 18 -5.49 3.27 -8.11
N LEU A 19 -6.11 3.08 -6.95
CA LEU A 19 -7.51 2.66 -6.87
C LEU A 19 -8.44 3.85 -7.06
N PHE A 20 -7.88 5.05 -7.03
CA PHE A 20 -8.66 6.27 -7.19
C PHE A 20 -9.07 6.46 -8.65
N TYR A 21 -8.47 5.68 -9.54
CA TYR A 21 -8.77 5.77 -10.96
C TYR A 21 -9.93 4.85 -11.33
N GLN A 22 -9.74 3.56 -11.09
CA GLN A 22 -10.78 2.58 -11.40
C GLN A 22 -12.09 2.91 -10.68
N ILE A 1 8.25 -10.43 11.48
CA ILE A 1 8.14 -10.12 10.07
C ILE A 1 8.02 -8.62 9.84
N GLU A 2 8.70 -8.13 8.82
CA GLU A 2 8.66 -6.70 8.49
C GLU A 2 7.96 -6.47 7.16
N GLU A 3 7.80 -7.53 6.38
CA GLU A 3 7.15 -7.43 5.08
C GLU A 3 5.64 -7.25 5.25
N GLN A 4 5.12 -7.68 6.39
CA GLN A 4 3.69 -7.56 6.67
C GLN A 4 3.43 -6.58 7.81
N ALA A 5 4.31 -5.59 7.95
CA ALA A 5 4.19 -4.59 9.00
C ALA A 5 5.01 -3.34 8.68
N LYS A 6 6.19 -3.56 8.10
CA LYS A 6 7.08 -2.46 7.75
C LYS A 6 6.75 -1.92 6.35
N THR A 7 6.50 -2.83 5.42
CA THR A 7 6.16 -2.45 4.05
C THR A 7 4.68 -2.65 3.77
N PHE A 8 3.95 -3.12 4.77
CA PHE A 8 2.52 -3.36 4.63
C PHE A 8 1.77 -2.05 4.41
N LEU A 9 2.46 -0.94 4.65
CA LEU A 9 1.86 0.39 4.48
C LEU A 9 2.17 0.95 3.09
N ASP A 10 3.11 0.32 2.40
CA ASP A 10 3.50 0.75 1.07
C ASP A 10 2.35 0.58 0.08
N LYS A 11 1.44 -0.34 0.40
CA LYS A 11 0.30 -0.61 -0.46
C LYS A 11 -0.83 0.38 -0.19
N PHE A 12 -1.00 0.74 1.08
CA PHE A 12 -2.04 1.68 1.48
C PHE A 12 -1.71 3.09 1.01
N ASN A 13 -0.43 3.34 0.79
CA ASN A 13 0.03 4.66 0.34
C ASN A 13 0.15 4.70 -1.18
N HIS A 14 0.38 3.53 -1.78
CA HIS A 14 0.52 3.43 -3.23
C HIS A 14 -0.82 3.10 -3.88
N GLU A 15 -1.39 1.96 -3.49
CA GLU A 15 -2.67 1.53 -4.05
C GLU A 15 -3.75 2.59 -3.84
N ALA A 16 -3.51 3.48 -2.88
CA ALA A 16 -4.46 4.54 -2.58
C ALA A 16 -4.55 5.53 -3.74
N GLU A 17 -3.48 5.63 -4.53
CA GLU A 17 -3.45 6.53 -5.67
C GLU A 17 -3.64 5.76 -6.97
N ASP A 18 -3.60 4.44 -6.88
CA ASP A 18 -3.78 3.58 -8.06
C ASP A 18 -5.22 3.09 -8.17
N LEU A 19 -5.85 2.87 -7.01
CA LEU A 19 -7.23 2.40 -6.98
C LEU A 19 -8.21 3.56 -7.19
N PHE A 20 -7.69 4.77 -7.14
CA PHE A 20 -8.51 5.96 -7.32
C PHE A 20 -8.89 6.14 -8.79
N TYR A 21 -8.24 5.38 -9.66
CA TYR A 21 -8.50 5.46 -11.09
C TYR A 21 -9.61 4.49 -11.51
N GLN A 22 -9.44 3.23 -11.12
CA GLN A 22 -10.43 2.20 -11.44
C GLN A 22 -11.74 2.46 -10.71
N ILE A 1 9.26 -10.47 10.81
CA ILE A 1 8.18 -10.15 9.88
C ILE A 1 8.07 -8.64 9.67
N GLU A 2 8.68 -8.15 8.60
CA GLU A 2 8.66 -6.73 8.28
C GLU A 2 7.94 -6.49 6.96
N GLU A 3 7.76 -7.54 6.18
CA GLU A 3 7.09 -7.44 4.88
C GLU A 3 5.58 -7.25 5.07
N GLN A 4 5.08 -7.67 6.22
CA GLN A 4 3.66 -7.55 6.52
C GLN A 4 3.42 -6.58 7.67
N ALA A 5 4.30 -5.60 7.79
CA ALA A 5 4.20 -4.60 8.86
C ALA A 5 5.02 -3.36 8.53
N LYS A 6 6.19 -3.57 7.94
CA LYS A 6 7.08 -2.48 7.58
C LYS A 6 6.73 -1.92 6.19
N THR A 7 6.47 -2.83 5.26
CA THR A 7 6.12 -2.44 3.89
C THR A 7 4.62 -2.63 3.63
N PHE A 8 3.91 -3.11 4.64
CA PHE A 8 2.47 -3.34 4.52
C PHE A 8 1.73 -2.03 4.31
N LEU A 9 2.42 -0.91 4.54
CA LEU A 9 1.84 0.41 4.40
C LEU A 9 2.13 0.98 3.01
N ASP A 10 3.05 0.35 2.30
CA ASP A 10 3.43 0.79 0.96
C ASP A 10 2.27 0.63 -0.01
N LYS A 11 1.36 -0.28 0.31
CA LYS A 11 0.20 -0.53 -0.53
C LYS A 11 -0.91 0.46 -0.24
N PHE A 12 -1.08 0.80 1.05
CA PHE A 12 -2.11 1.74 1.46
C PHE A 12 -1.77 3.15 0.99
N ASN A 13 -0.49 3.41 0.76
CA ASN A 13 -0.04 4.71 0.32
C ASN A 13 0.07 4.77 -1.20
N HIS A 14 0.27 3.61 -1.81
CA HIS A 14 0.39 3.52 -3.26
C HIS A 14 -0.97 3.21 -3.90
N GLU A 15 -1.55 2.08 -3.52
CA GLU A 15 -2.84 1.67 -4.05
C GLU A 15 -3.89 2.77 -3.85
N ALA A 16 -3.64 3.64 -2.88
CA ALA A 16 -4.55 4.73 -2.58
C ALA A 16 -4.65 5.71 -3.74
N GLU A 17 -3.58 5.79 -4.53
CA GLU A 17 -3.53 6.69 -5.68
C GLU A 17 -3.77 5.92 -6.98
N ASP A 18 -3.75 4.60 -6.89
CA ASP A 18 -3.96 3.75 -8.05
C ASP A 18 -5.41 3.28 -8.15
N LEU A 19 -6.04 3.08 -7.00
CA LEU A 19 -7.43 2.64 -6.94
C LEU A 19 -8.37 3.82 -7.13
N PHE A 20 -7.83 5.03 -7.10
CA PHE A 20 -8.63 6.23 -7.28
C PHE A 20 -9.02 6.42 -8.74
N TYR A 21 -8.40 5.63 -9.61
CA TYR A 21 -8.68 5.72 -11.05
C TYR A 21 -9.82 4.79 -11.43
N GLN A 22 -9.61 3.49 -11.20
CA GLN A 22 -10.63 2.49 -11.52
C GLN A 22 -11.93 2.80 -10.81
N ILE A 1 8.79 -11.02 8.35
CA ILE A 1 7.72 -10.47 9.17
C ILE A 1 7.51 -8.99 8.88
N GLU A 2 8.59 -8.31 8.50
CA GLU A 2 8.54 -6.88 8.20
C GLU A 2 7.80 -6.65 6.89
N GLU A 3 7.59 -7.71 6.12
CA GLU A 3 6.90 -7.62 4.83
C GLU A 3 5.40 -7.39 5.05
N GLN A 4 4.90 -7.80 6.21
CA GLN A 4 3.48 -7.64 6.52
C GLN A 4 3.29 -6.65 7.67
N ALA A 5 4.20 -5.68 7.77
CA ALA A 5 4.12 -4.68 8.82
C ALA A 5 4.97 -3.46 8.47
N LYS A 6 6.13 -3.71 7.87
CA LYS A 6 7.04 -2.63 7.48
C LYS A 6 6.69 -2.09 6.10
N THR A 7 6.39 -2.99 5.17
CA THR A 7 6.03 -2.61 3.81
C THR A 7 4.54 -2.76 3.57
N PHE A 8 3.82 -3.22 4.59
CA PHE A 8 2.38 -3.41 4.48
C PHE A 8 1.67 -2.08 4.29
N LEU A 9 2.39 -0.98 4.50
CA LEU A 9 1.83 0.35 4.34
C LEU A 9 2.12 0.90 2.95
N ASP A 10 3.02 0.23 2.23
CA ASP A 10 3.40 0.66 0.89
C ASP A 10 2.22 0.52 -0.07
N LYS A 11 1.29 -0.37 0.26
CA LYS A 11 0.11 -0.59 -0.55
C LYS A 11 -0.98 0.43 -0.25
N PHE A 12 -1.11 0.78 1.02
CA PHE A 12 -2.11 1.75 1.45
C PHE A 12 -1.75 3.16 0.96
N ASN A 13 -0.46 3.37 0.71
CA ASN A 13 0.02 4.67 0.24
C ASN A 13 0.11 4.70 -1.27
N HIS A 14 0.27 3.53 -1.88
CA HIS A 14 0.37 3.42 -3.33
C HIS A 14 -1.00 3.15 -3.95
N GLU A 15 -1.61 2.03 -3.55
CA GLU A 15 -2.93 1.66 -4.07
C GLU A 15 -3.94 2.78 -3.85
N ALA A 16 -3.65 3.66 -2.89
CA ALA A 16 -4.54 4.77 -2.59
C ALA A 16 -4.61 5.75 -3.77
N GLU A 17 -3.56 5.77 -4.57
CA GLU A 17 -3.50 6.67 -5.72
C GLU A 17 -3.77 5.89 -7.01
N ASP A 18 -3.79 4.57 -6.91
CA ASP A 18 -4.03 3.71 -8.07
C ASP A 18 -5.50 3.30 -8.13
N LEU A 19 -6.10 3.12 -6.97
CA LEU A 19 -7.51 2.71 -6.90
C LEU A 19 -8.43 3.91 -7.10
N PHE A 20 -7.86 5.11 -7.08
CA PHE A 20 -8.63 6.33 -7.25
C PHE A 20 -9.03 6.51 -8.72
N TYR A 21 -8.44 5.71 -9.59
CA TYR A 21 -8.74 5.79 -11.01
C TYR A 21 -9.90 4.87 -11.38
N GLN A 22 -9.73 3.58 -11.14
CA GLN A 22 -10.77 2.60 -11.44
C GLN A 22 -12.05 2.92 -10.69
N ILE A 1 7.67 -11.40 8.15
CA ILE A 1 7.04 -10.59 9.17
C ILE A 1 7.02 -9.12 8.77
N GLU A 2 8.21 -8.53 8.62
CA GLU A 2 8.32 -7.14 8.24
C GLU A 2 7.50 -6.84 6.99
N GLU A 3 7.64 -7.68 5.97
CA GLU A 3 6.91 -7.51 4.73
C GLU A 3 5.42 -7.33 4.99
N GLN A 4 4.97 -7.81 6.14
CA GLN A 4 3.56 -7.70 6.51
C GLN A 4 3.37 -6.73 7.68
N ALA A 5 4.15 -5.65 7.66
CA ALA A 5 4.07 -4.66 8.72
C ALA A 5 4.89 -3.42 8.37
N LYS A 6 6.08 -3.64 7.82
CA LYS A 6 6.97 -2.54 7.45
C LYS A 6 6.65 -2.06 6.04
N THR A 7 6.34 -2.99 5.13
CA THR A 7 6.01 -2.65 3.77
C THR A 7 4.51 -2.80 3.50
N PHE A 8 3.78 -3.25 4.51
CA PHE A 8 2.34 -3.43 4.39
C PHE A 8 1.64 -2.10 4.16
N LEU A 9 2.36 -1.01 4.38
CA LEU A 9 1.81 0.33 4.20
C LEU A 9 2.15 0.87 2.81
N ASP A 10 3.05 0.19 2.12
CA ASP A 10 3.44 0.59 0.77
C ASP A 10 2.28 0.46 -0.20
N LYS A 11 1.33 -0.40 0.13
CA LYS A 11 0.16 -0.62 -0.72
C LYS A 11 -0.91 0.41 -0.43
N PHE A 12 -1.07 0.77 0.84
CA PHE A 12 -2.07 1.74 1.25
C PHE A 12 -1.68 3.14 0.76
N ASN A 13 -0.38 3.35 0.53
CA ASN A 13 0.12 4.63 0.07
C ASN A 13 0.23 4.66 -1.44
N HIS A 14 0.37 3.49 -2.06
CA HIS A 14 0.49 3.38 -3.50
C HIS A 14 -0.88 3.12 -4.14
N GLU A 15 -1.52 2.02 -3.74
CA GLU A 15 -2.82 1.67 -4.26
C GLU A 15 -3.82 2.80 -4.06
N ALA A 16 -3.52 3.69 -3.12
CA ALA A 16 -4.39 4.81 -2.82
C ALA A 16 -4.42 5.80 -3.98
N GLU A 17 -3.35 5.80 -4.78
CA GLU A 17 -3.25 6.70 -5.92
C GLU A 17 -3.48 5.94 -7.24
N ASP A 18 -3.55 4.61 -7.14
CA ASP A 18 -3.76 3.77 -8.31
C ASP A 18 -5.20 3.29 -8.38
N LEU A 19 -5.83 3.16 -7.21
CA LEU A 19 -7.22 2.71 -7.14
C LEU A 19 -8.19 3.89 -7.20
N PHE A 20 -7.67 5.09 -6.96
CA PHE A 20 -8.47 6.30 -6.99
C PHE A 20 -9.07 6.52 -8.38
N TYR A 21 -8.52 5.83 -9.37
CA TYR A 21 -8.98 5.96 -10.76
C TYR A 21 -10.05 4.93 -11.07
N GLN A 22 -9.68 3.65 -10.96
CA GLN A 22 -10.61 2.56 -11.23
C GLN A 22 -11.88 2.71 -10.42
N ILE A 1 6.04 -10.66 10.61
CA ILE A 1 7.13 -10.33 9.71
C ILE A 1 7.08 -8.86 9.29
N GLU A 2 8.25 -8.26 9.11
CA GLU A 2 8.33 -6.86 8.71
C GLU A 2 7.52 -6.61 7.45
N GLU A 3 7.65 -7.50 6.47
CA GLU A 3 6.92 -7.37 5.22
C GLU A 3 5.43 -7.17 5.47
N GLN A 4 4.97 -7.60 6.63
CA GLN A 4 3.57 -7.48 7.00
C GLN A 4 3.39 -6.48 8.13
N ALA A 5 4.16 -5.40 8.10
CA ALA A 5 4.08 -4.36 9.11
C ALA A 5 4.91 -3.14 8.73
N LYS A 6 6.11 -3.39 8.19
CA LYS A 6 7.00 -2.32 7.78
C LYS A 6 6.68 -1.87 6.35
N THR A 7 6.37 -2.83 5.50
CA THR A 7 6.06 -2.53 4.10
C THR A 7 4.56 -2.68 3.84
N PHE A 8 3.83 -3.09 4.87
CA PHE A 8 2.38 -3.27 4.75
C PHE A 8 1.69 -1.95 4.46
N LEU A 9 2.41 -0.84 4.66
CA LEU A 9 1.87 0.48 4.43
C LEU A 9 2.20 0.97 3.02
N ASP A 10 3.10 0.27 2.35
CA ASP A 10 3.50 0.62 1.00
C ASP A 10 2.34 0.47 0.03
N LYS A 11 1.39 -0.39 0.38
CA LYS A 11 0.22 -0.63 -0.46
C LYS A 11 -0.85 0.42 -0.21
N PHE A 12 -1.01 0.81 1.05
CA PHE A 12 -2.01 1.82 1.41
C PHE A 12 -1.61 3.20 0.88
N ASN A 13 -0.31 3.38 0.65
CA ASN A 13 0.20 4.65 0.15
C ASN A 13 0.31 4.63 -1.37
N HIS A 14 0.46 3.43 -1.93
CA HIS A 14 0.58 3.27 -3.38
C HIS A 14 -0.78 3.01 -4.01
N GLU A 15 -1.43 1.92 -3.57
CA GLU A 15 -2.74 1.55 -4.10
C GLU A 15 -3.73 2.70 -3.94
N ALA A 16 -3.43 3.61 -3.01
CA ALA A 16 -4.30 4.76 -2.76
C ALA A 16 -4.31 5.70 -3.96
N GLU A 17 -3.25 5.67 -4.75
CA GLU A 17 -3.15 6.53 -5.92
C GLU A 17 -3.37 5.73 -7.20
N ASP A 18 -3.44 4.41 -7.07
CA ASP A 18 -3.65 3.53 -8.21
C ASP A 18 -5.09 3.05 -8.26
N LEU A 19 -5.74 2.97 -7.10
CA LEU A 19 -7.11 2.52 -7.02
C LEU A 19 -8.08 3.70 -7.11
N PHE A 20 -7.56 4.90 -6.92
CA PHE A 20 -8.37 6.11 -6.99
C PHE A 20 -8.96 6.30 -8.39
N TYR A 21 -8.40 5.57 -9.36
CA TYR A 21 -8.86 5.66 -10.74
C TYR A 21 -9.93 4.61 -11.03
N GLN A 22 -9.56 3.34 -10.87
CA GLN A 22 -10.50 2.25 -11.11
C GLN A 22 -11.78 2.44 -10.31
N ILE A 1 8.58 -10.35 11.64
CA ILE A 1 8.09 -10.07 10.29
C ILE A 1 8.14 -8.57 9.98
N GLU A 2 8.61 -8.24 8.79
CA GLU A 2 8.70 -6.84 8.38
C GLU A 2 7.84 -6.58 7.14
N GLU A 3 7.96 -7.45 6.15
CA GLU A 3 7.19 -7.30 4.91
C GLU A 3 5.70 -7.13 5.21
N GLN A 4 5.29 -7.59 6.39
CA GLN A 4 3.89 -7.49 6.80
C GLN A 4 3.74 -6.50 7.95
N ALA A 5 4.48 -5.41 7.89
CA ALA A 5 4.43 -4.38 8.93
C ALA A 5 5.23 -3.15 8.53
N LYS A 6 6.42 -3.37 7.95
CA LYS A 6 7.27 -2.29 7.51
C LYS A 6 6.91 -1.83 6.11
N THR A 7 6.58 -2.79 5.24
CA THR A 7 6.21 -2.48 3.87
C THR A 7 4.71 -2.64 3.66
N PHE A 8 4.01 -3.07 4.70
CA PHE A 8 2.57 -3.28 4.63
C PHE A 8 1.85 -1.95 4.38
N LEU A 9 2.57 -0.85 4.57
CA LEU A 9 2.01 0.48 4.37
C LEU A 9 2.28 0.98 2.96
N ASP A 10 3.17 0.30 2.25
CA ASP A 10 3.52 0.68 0.89
C ASP A 10 2.33 0.51 -0.05
N LYS A 11 1.40 -0.37 0.33
CA LYS A 11 0.21 -0.63 -0.47
C LYS A 11 -0.86 0.41 -0.18
N PHE A 12 -0.97 0.80 1.08
CA PHE A 12 -1.97 1.79 1.48
C PHE A 12 -1.62 3.18 0.96
N ASN A 13 -0.34 3.39 0.69
CA ASN A 13 0.14 4.67 0.18
C ASN A 13 0.21 4.66 -1.35
N HIS A 14 0.37 3.47 -1.92
CA HIS A 14 0.46 3.33 -3.36
C HIS A 14 -0.92 3.01 -3.95
N GLU A 15 -1.51 1.90 -3.52
CA GLU A 15 -2.83 1.49 -4.01
C GLU A 15 -3.86 2.60 -3.80
N ALA A 16 -3.56 3.51 -2.87
CA ALA A 16 -4.45 4.62 -2.57
C ALA A 16 -4.57 5.57 -3.75
N GLU A 17 -3.53 5.60 -4.58
CA GLU A 17 -3.51 6.48 -5.75
C GLU A 17 -3.78 5.67 -7.02
N ASP A 18 -3.78 4.36 -6.89
CA ASP A 18 -4.03 3.48 -8.04
C ASP A 18 -5.49 3.03 -8.07
N LEU A 19 -6.08 2.86 -6.90
CA LEU A 19 -7.47 2.42 -6.79
C LEU A 19 -8.41 3.61 -6.99
N PHE A 20 -7.86 4.81 -7.00
CA PHE A 20 -8.65 6.02 -7.18
C PHE A 20 -9.08 6.17 -8.65
N TYR A 21 -8.49 5.36 -9.52
CA TYR A 21 -8.81 5.41 -10.94
C TYR A 21 -9.98 4.47 -11.27
N GLN A 22 -9.77 3.18 -11.03
CA GLN A 22 -10.80 2.19 -11.30
C GLN A 22 -12.10 2.54 -10.60
N ILE A 1 7.63 -11.45 8.05
CA ILE A 1 7.14 -10.62 9.14
C ILE A 1 7.13 -9.14 8.75
N GLU A 2 8.31 -8.57 8.57
CA GLU A 2 8.43 -7.16 8.19
C GLU A 2 7.58 -6.87 6.96
N GLU A 3 7.70 -7.71 5.94
CA GLU A 3 6.94 -7.52 4.70
C GLU A 3 5.46 -7.33 5.00
N GLN A 4 5.02 -7.83 6.16
CA GLN A 4 3.63 -7.70 6.56
C GLN A 4 3.48 -6.74 7.74
N ALA A 5 4.25 -5.66 7.71
CA ALA A 5 4.19 -4.67 8.77
C ALA A 5 5.02 -3.43 8.41
N LYS A 6 6.19 -3.66 7.83
CA LYS A 6 7.08 -2.57 7.44
C LYS A 6 6.73 -2.07 6.03
N THR A 7 6.39 -3.00 5.15
CA THR A 7 6.04 -2.65 3.78
C THR A 7 4.54 -2.80 3.55
N PHE A 8 3.82 -3.24 4.57
CA PHE A 8 2.38 -3.42 4.48
C PHE A 8 1.68 -2.08 4.27
N LEU A 9 2.41 -1.00 4.48
CA LEU A 9 1.87 0.35 4.32
C LEU A 9 2.17 0.88 2.92
N ASP A 10 3.05 0.21 2.20
CA ASP A 10 3.41 0.61 0.85
C ASP A 10 2.23 0.49 -0.09
N LYS A 11 1.29 -0.39 0.26
CA LYS A 11 0.11 -0.61 -0.57
C LYS A 11 -0.97 0.42 -0.26
N PHE A 12 -1.09 0.79 1.01
CA PHE A 12 -2.06 1.79 1.44
C PHE A 12 -1.68 3.18 0.95
N ASN A 13 -0.40 3.37 0.69
CA ASN A 13 0.09 4.67 0.22
C ASN A 13 0.18 4.69 -1.30
N HIS A 14 0.33 3.52 -1.90
CA HIS A 14 0.41 3.40 -3.36
C HIS A 14 -0.95 3.12 -3.97
N GLU A 15 -1.56 2.02 -3.56
CA GLU A 15 -2.88 1.64 -4.07
C GLU A 15 -3.88 2.75 -3.83
N ALA A 16 -3.59 3.64 -2.88
CA ALA A 16 -4.48 4.74 -2.56
C ALA A 16 -4.57 5.72 -3.72
N GLU A 17 -3.51 5.77 -4.54
CA GLU A 17 -3.48 6.67 -5.69
C GLU A 17 -3.75 5.90 -6.98
N ASP A 18 -3.77 4.58 -6.89
CA ASP A 18 -4.02 3.74 -8.05
C ASP A 18 -5.48 3.31 -8.12
N LEU A 19 -6.08 3.11 -6.94
CA LEU A 19 -7.47 2.71 -6.86
C LEU A 19 -8.42 3.90 -7.04
N PHE A 20 -7.83 5.10 -7.02
CA PHE A 20 -8.62 6.32 -7.18
C PHE A 20 -9.03 6.52 -8.64
N TYR A 21 -8.44 5.72 -9.52
CA TYR A 21 -8.74 5.80 -10.95
C TYR A 21 -9.92 4.90 -11.30
N GLN A 22 -9.73 3.60 -11.12
CA GLN A 22 -10.77 2.62 -11.42
C GLN A 22 -12.08 2.98 -10.72
N ILE A 1 8.18 -11.18 8.21
CA ILE A 1 7.32 -10.41 9.10
C ILE A 1 7.30 -8.94 8.69
N GLU A 2 8.48 -8.35 8.50
CA GLU A 2 8.58 -6.97 8.10
C GLU A 2 7.72 -6.67 6.88
N GLU A 3 7.82 -7.53 5.87
CA GLU A 3 7.06 -7.37 4.64
C GLU A 3 5.58 -7.18 4.95
N GLN A 4 5.16 -7.66 6.11
CA GLN A 4 3.77 -7.54 6.53
C GLN A 4 3.62 -6.58 7.69
N ALA A 5 4.39 -5.49 7.65
CA ALA A 5 4.34 -4.48 8.71
C ALA A 5 5.15 -3.24 8.32
N LYS A 6 6.33 -3.47 7.73
CA LYS A 6 7.20 -2.38 7.32
C LYS A 6 6.82 -1.90 5.91
N THR A 7 6.49 -2.84 5.04
CA THR A 7 6.12 -2.52 3.67
C THR A 7 4.62 -2.66 3.46
N PHE A 8 3.92 -3.10 4.49
CA PHE A 8 2.48 -3.29 4.42
C PHE A 8 1.77 -1.97 4.20
N LEU A 9 2.49 -0.86 4.40
CA LEU A 9 1.94 0.47 4.22
C LEU A 9 2.21 1.00 2.82
N ASP A 10 3.09 0.31 2.10
CA ASP A 10 3.44 0.71 0.74
C ASP A 10 2.26 0.57 -0.20
N LYS A 11 1.32 -0.31 0.17
CA LYS A 11 0.13 -0.55 -0.63
C LYS A 11 -0.94 0.49 -0.32
N PHE A 12 -1.05 0.87 0.94
CA PHE A 12 -2.03 1.85 1.37
C PHE A 12 -1.67 3.25 0.86
N ASN A 13 -0.38 3.46 0.59
CA ASN A 13 0.10 4.74 0.09
C ASN A 13 0.17 4.75 -1.42
N HIS A 14 0.32 3.56 -2.02
CA HIS A 14 0.40 3.44 -3.47
C HIS A 14 -0.98 3.14 -4.06
N GLU A 15 -1.58 2.05 -3.64
CA GLU A 15 -2.90 1.65 -4.13
C GLU A 15 -3.92 2.76 -3.89
N ALA A 16 -3.61 3.65 -2.96
CA ALA A 16 -4.50 4.76 -2.64
C ALA A 16 -4.62 5.73 -3.81
N GLU A 17 -3.57 5.76 -4.64
CA GLU A 17 -3.55 6.65 -5.80
C GLU A 17 -3.83 5.88 -7.08
N ASP A 18 -3.84 4.55 -6.97
CA ASP A 18 -4.09 3.69 -8.12
C ASP A 18 -5.55 3.25 -8.16
N LEU A 19 -6.15 3.08 -6.98
CA LEU A 19 -7.54 2.66 -6.88
C LEU A 19 -8.47 3.85 -7.07
N PHE A 20 -7.91 5.05 -7.06
CA PHE A 20 -8.70 6.26 -7.23
C PHE A 20 -9.14 6.44 -8.68
N TYR A 21 -8.55 5.64 -9.57
CA TYR A 21 -8.87 5.71 -10.98
C TYR A 21 -10.04 4.78 -11.33
N GLN A 22 -9.84 3.50 -11.11
CA GLN A 22 -10.88 2.51 -11.40
C GLN A 22 -12.18 2.86 -10.67
N ILE A 1 6.70 -10.94 9.19
CA ILE A 1 7.62 -10.30 10.12
C ILE A 1 7.71 -8.80 9.85
N GLU A 2 8.09 -8.45 8.64
CA GLU A 2 8.22 -7.05 8.25
C GLU A 2 7.37 -6.75 7.01
N GLU A 3 7.49 -7.59 6.00
CA GLU A 3 6.75 -7.41 4.76
C GLU A 3 5.27 -7.22 5.04
N GLN A 4 4.82 -7.70 6.20
CA GLN A 4 3.42 -7.58 6.59
C GLN A 4 3.26 -6.61 7.76
N ALA A 5 4.04 -5.53 7.74
CA ALA A 5 3.99 -4.53 8.79
C ALA A 5 4.82 -3.30 8.43
N LYS A 6 6.00 -3.54 7.86
CA LYS A 6 6.89 -2.45 7.47
C LYS A 6 6.55 -1.96 6.06
N THR A 7 6.22 -2.89 5.18
CA THR A 7 5.88 -2.55 3.80
C THR A 7 4.37 -2.68 3.56
N PHE A 8 3.66 -3.13 4.59
CA PHE A 8 2.21 -3.30 4.48
C PHE A 8 1.52 -1.96 4.27
N LEU A 9 2.26 -0.88 4.48
CA LEU A 9 1.72 0.46 4.30
C LEU A 9 2.02 1.00 2.90
N ASP A 10 2.91 0.31 2.19
CA ASP A 10 3.28 0.71 0.84
C ASP A 10 2.10 0.58 -0.11
N LYS A 11 1.16 -0.29 0.23
CA LYS A 11 -0.03 -0.51 -0.59
C LYS A 11 -1.09 0.54 -0.29
N PHE A 12 -1.22 0.91 0.97
CA PHE A 12 -2.20 1.90 1.38
C PHE A 12 -1.81 3.30 0.89
N ASN A 13 -0.52 3.49 0.64
CA ASN A 13 -0.01 4.77 0.16
C ASN A 13 0.07 4.79 -1.35
N HIS A 14 0.22 3.61 -1.95
CA HIS A 14 0.32 3.50 -3.40
C HIS A 14 -1.04 3.22 -4.02
N GLU A 15 -1.66 2.11 -3.61
CA GLU A 15 -2.97 1.74 -4.12
C GLU A 15 -3.99 2.86 -3.90
N ALA A 16 -3.69 3.74 -2.95
CA ALA A 16 -4.57 4.85 -2.64
C ALA A 16 -4.66 5.83 -3.81
N GLU A 17 -3.60 5.87 -4.62
CA GLU A 17 -3.56 6.76 -5.77
C GLU A 17 -3.82 6.00 -7.05
N ASP A 18 -3.85 4.68 -6.95
CA ASP A 18 -4.08 3.83 -8.12
C ASP A 18 -5.56 3.41 -8.19
N LEU A 19 -6.17 3.22 -7.02
CA LEU A 19 -7.56 2.81 -6.95
C LEU A 19 -8.49 4.01 -7.13
N PHE A 20 -7.91 5.21 -7.11
CA PHE A 20 -8.68 6.44 -7.28
C PHE A 20 -9.09 6.62 -8.74
N TYR A 21 -8.50 5.82 -9.62
CA TYR A 21 -8.80 5.91 -11.05
C TYR A 21 -9.97 5.01 -11.41
N GLN A 22 -9.80 3.70 -11.20
CA GLN A 22 -10.84 2.73 -11.50
C GLN A 22 -12.15 3.11 -10.81
N ILE A 1 6.07 -10.71 10.50
CA ILE A 1 7.16 -10.42 9.57
C ILE A 1 7.14 -8.96 9.14
N GLU A 2 8.33 -8.40 8.94
CA GLU A 2 8.46 -7.01 8.53
C GLU A 2 7.61 -6.72 7.29
N GLU A 3 7.72 -7.60 6.29
CA GLU A 3 6.97 -7.44 5.05
C GLU A 3 5.48 -7.23 5.35
N GLN A 4 5.04 -7.69 6.52
CA GLN A 4 3.64 -7.55 6.91
C GLN A 4 3.51 -6.56 8.06
N ALA A 5 4.28 -5.48 8.01
CA ALA A 5 4.24 -4.46 9.05
C ALA A 5 5.07 -3.24 8.66
N LYS A 6 6.25 -3.49 8.08
CA LYS A 6 7.13 -2.41 7.66
C LYS A 6 6.78 -1.95 6.25
N THR A 7 6.45 -2.90 5.38
CA THR A 7 6.09 -2.59 4.01
C THR A 7 4.59 -2.72 3.78
N PHE A 8 3.87 -3.14 4.82
CA PHE A 8 2.43 -3.32 4.73
C PHE A 8 1.74 -1.98 4.49
N LEU A 9 2.48 -0.89 4.67
CA LEU A 9 1.94 0.45 4.47
C LEU A 9 2.24 0.95 3.07
N ASP A 10 3.12 0.24 2.37
CA ASP A 10 3.49 0.61 1.00
C ASP A 10 2.30 0.47 0.06
N LYS A 11 1.36 -0.39 0.43
CA LYS A 11 0.17 -0.62 -0.38
C LYS A 11 -0.90 0.44 -0.10
N PHE A 12 -1.01 0.83 1.16
CA PHE A 12 -1.99 1.83 1.56
C PHE A 12 -1.60 3.21 1.04
N ASN A 13 -0.31 3.39 0.77
CA ASN A 13 0.19 4.68 0.27
C ASN A 13 0.27 4.66 -1.26
N HIS A 14 0.41 3.47 -1.83
CA HIS A 14 0.50 3.32 -3.28
C HIS A 14 -0.86 3.04 -3.88
N GLU A 15 -1.48 1.94 -3.44
CA GLU A 15 -2.80 1.55 -3.93
C GLU A 15 -3.81 2.68 -3.74
N ALA A 16 -3.50 3.59 -2.81
CA ALA A 16 -4.39 4.71 -2.51
C ALA A 16 -4.47 5.66 -3.70
N GLU A 17 -3.42 5.67 -4.51
CA GLU A 17 -3.38 6.54 -5.68
C GLU A 17 -3.66 5.75 -6.96
N ASP A 18 -3.69 4.43 -6.83
CA ASP A 18 -3.93 3.56 -7.97
C ASP A 18 -5.40 3.13 -8.02
N LEU A 19 -6.01 2.98 -6.85
CA LEU A 19 -7.41 2.58 -6.75
C LEU A 19 -8.33 3.77 -6.96
N PHE A 20 -7.75 4.97 -6.98
CA PHE A 20 -8.52 6.19 -7.17
C PHE A 20 -8.94 6.35 -8.63
N TYR A 21 -8.35 5.53 -9.49
CA TYR A 21 -8.66 5.58 -10.92
C TYR A 21 -9.83 4.67 -11.25
N GLN A 22 -9.66 3.38 -11.00
CA GLN A 22 -10.72 2.40 -11.28
C GLN A 22 -12.02 2.80 -10.59
N ILE A 1 6.11 -10.47 10.56
CA ILE A 1 7.21 -10.19 9.64
C ILE A 1 7.19 -8.74 9.18
N GLU A 2 8.37 -8.18 8.97
CA GLU A 2 8.49 -6.79 8.54
C GLU A 2 7.64 -6.52 7.31
N GLU A 3 7.74 -7.42 6.32
CA GLU A 3 6.98 -7.28 5.09
C GLU A 3 5.49 -7.07 5.39
N GLN A 4 5.07 -7.51 6.57
CA GLN A 4 3.67 -7.36 6.97
C GLN A 4 3.53 -6.36 8.10
N ALA A 5 4.31 -5.28 8.04
CA ALA A 5 4.28 -4.24 9.06
C ALA A 5 5.10 -3.03 8.63
N LYS A 6 6.28 -3.29 8.07
CA LYS A 6 7.16 -2.22 7.61
C LYS A 6 6.80 -1.77 6.20
N THR A 7 6.46 -2.74 5.35
CA THR A 7 6.10 -2.45 3.97
C THR A 7 4.60 -2.59 3.75
N PHE A 8 3.89 -3.00 4.80
CA PHE A 8 2.44 -3.16 4.73
C PHE A 8 1.75 -1.83 4.46
N LEU A 9 2.49 -0.75 4.63
CA LEU A 9 1.95 0.59 4.41
C LEU A 9 2.24 1.08 2.99
N ASP A 10 3.11 0.35 2.30
CA ASP A 10 3.48 0.71 0.93
C ASP A 10 2.28 0.55 -0.01
N LYS A 11 1.34 -0.31 0.39
CA LYS A 11 0.15 -0.55 -0.42
C LYS A 11 -0.92 0.50 -0.14
N PHE A 12 -1.02 0.93 1.11
CA PHE A 12 -1.99 1.94 1.50
C PHE A 12 -1.61 3.31 0.95
N ASN A 13 -0.32 3.48 0.67
CA ASN A 13 0.18 4.75 0.14
C ASN A 13 0.25 4.72 -1.37
N HIS A 14 0.39 3.51 -1.93
CA HIS A 14 0.46 3.34 -3.37
C HIS A 14 -0.91 3.05 -3.96
N GLU A 15 -1.52 1.96 -3.50
CA GLU A 15 -2.84 1.57 -3.98
C GLU A 15 -3.85 2.70 -3.80
N ALA A 16 -3.54 3.61 -2.89
CA ALA A 16 -4.41 4.75 -2.61
C ALA A 16 -4.50 5.68 -3.81
N GLU A 17 -3.46 5.68 -4.63
CA GLU A 17 -3.43 6.53 -5.82
C GLU A 17 -3.71 5.71 -7.08
N ASP A 18 -3.73 4.40 -6.93
CA ASP A 18 -4.00 3.51 -8.05
C ASP A 18 -5.46 3.08 -8.08
N LEU A 19 -6.06 2.95 -6.90
CA LEU A 19 -7.46 2.55 -6.80
C LEU A 19 -8.38 3.74 -7.01
N PHE A 20 -7.81 4.94 -7.05
CA PHE A 20 -8.58 6.16 -7.26
C PHE A 20 -9.00 6.29 -8.72
N TYR A 21 -8.42 5.46 -9.57
CA TYR A 21 -8.73 5.49 -11.00
C TYR A 21 -9.92 4.57 -11.31
N GLN A 22 -9.73 3.28 -11.07
CA GLN A 22 -10.78 2.29 -11.32
C GLN A 22 -12.08 2.69 -10.62
N ILE A 1 6.13 -10.65 10.42
CA ILE A 1 7.18 -10.36 9.47
C ILE A 1 7.17 -8.90 9.05
N GLU A 2 8.34 -8.32 8.85
CA GLU A 2 8.47 -6.93 8.44
C GLU A 2 7.61 -6.65 7.20
N GLU A 3 7.74 -7.51 6.21
CA GLU A 3 6.98 -7.36 4.97
C GLU A 3 5.49 -7.17 5.26
N GLN A 4 5.05 -7.63 6.43
CA GLN A 4 3.66 -7.51 6.83
C GLN A 4 3.51 -6.52 7.98
N ALA A 5 4.27 -5.45 7.93
CA ALA A 5 4.23 -4.42 8.97
C ALA A 5 5.05 -3.19 8.58
N LYS A 6 6.22 -3.44 8.02
CA LYS A 6 7.11 -2.35 7.59
C LYS A 6 6.75 -1.88 6.18
N THR A 7 6.43 -2.84 5.31
CA THR A 7 6.07 -2.52 3.93
C THR A 7 4.56 -2.66 3.71
N PHE A 8 3.85 -3.09 4.75
CA PHE A 8 2.41 -3.27 4.66
C PHE A 8 1.71 -1.94 4.42
N LEU A 9 2.45 -0.85 4.60
CA LEU A 9 1.89 0.48 4.41
C LEU A 9 2.19 0.99 3.01
N ASP A 10 3.07 0.30 2.31
CA ASP A 10 3.44 0.68 0.95
C ASP A 10 2.25 0.53 0.00
N LYS A 11 1.31 -0.33 0.37
CA LYS A 11 0.13 -0.57 -0.45
C LYS A 11 -0.94 0.48 -0.16
N PHE A 12 -1.06 0.87 1.10
CA PHE A 12 -2.05 1.86 1.51
C PHE A 12 -1.67 3.24 0.99
N ASN A 13 -0.39 3.44 0.72
CA ASN A 13 0.11 4.71 0.23
C ASN A 13 0.19 4.71 -1.30
N HIS A 14 0.34 3.53 -1.88
CA HIS A 14 0.43 3.38 -3.32
C HIS A 14 -0.95 3.09 -3.93
N GLU A 15 -1.55 1.99 -3.50
CA GLU A 15 -2.86 1.60 -3.99
C GLU A 15 -3.88 2.72 -3.78
N ALA A 16 -3.58 3.61 -2.85
CA ALA A 16 -4.47 4.73 -2.54
C ALA A 16 -4.56 5.69 -3.72
N GLU A 17 -3.51 5.72 -4.54
CA GLU A 17 -3.48 6.59 -5.70
C GLU A 17 -3.75 5.81 -6.99
N ASP A 18 -3.77 4.48 -6.87
CA ASP A 18 -4.01 3.62 -8.01
C ASP A 18 -5.47 3.18 -8.06
N LEU A 19 -6.07 3.02 -6.89
CA LEU A 19 -7.48 2.61 -6.80
C LEU A 19 -8.40 3.80 -7.00
N PHE A 20 -7.83 5.00 -7.00
CA PHE A 20 -8.61 6.22 -7.19
C PHE A 20 -9.04 6.38 -8.65
N TYR A 21 -8.45 5.57 -9.52
CA TYR A 21 -8.75 5.63 -10.94
C TYR A 21 -9.92 4.71 -11.28
N GLN A 22 -9.74 3.42 -11.06
CA GLN A 22 -10.77 2.43 -11.34
C GLN A 22 -12.07 2.79 -10.63
N ILE A 1 9.35 -10.77 10.33
CA ILE A 1 8.01 -10.26 10.04
C ILE A 1 8.04 -8.76 9.80
N GLU A 2 8.51 -8.37 8.62
CA GLU A 2 8.58 -6.95 8.27
C GLU A 2 7.75 -6.66 7.01
N GLU A 3 7.91 -7.49 5.99
CA GLU A 3 7.19 -7.31 4.74
C GLU A 3 5.69 -7.18 5.00
N GLN A 4 5.25 -7.69 6.15
CA GLN A 4 3.84 -7.63 6.52
C GLN A 4 3.62 -6.69 7.70
N ALA A 5 4.36 -5.59 7.71
CA ALA A 5 4.25 -4.61 8.78
C ALA A 5 5.03 -3.34 8.45
N LYS A 6 6.24 -3.52 7.90
CA LYS A 6 7.08 -2.40 7.54
C LYS A 6 6.75 -1.88 6.14
N THR A 7 6.47 -2.82 5.23
CA THR A 7 6.13 -2.46 3.86
C THR A 7 4.64 -2.65 3.60
N PHE A 8 3.93 -3.14 4.60
CA PHE A 8 2.49 -3.37 4.47
C PHE A 8 1.75 -2.05 4.26
N LEU A 9 2.44 -0.94 4.50
CA LEU A 9 1.85 0.38 4.34
C LEU A 9 2.16 0.95 2.96
N ASP A 10 3.08 0.30 2.26
CA ASP A 10 3.46 0.75 0.92
C ASP A 10 2.30 0.60 -0.06
N LYS A 11 1.38 -0.32 0.27
CA LYS A 11 0.23 -0.56 -0.59
C LYS A 11 -0.89 0.43 -0.30
N PHE A 12 -1.04 0.78 0.98
CA PHE A 12 -2.07 1.73 1.40
C PHE A 12 -1.73 3.14 0.94
N ASN A 13 -0.44 3.39 0.71
CA ASN A 13 0.02 4.69 0.26
C ASN A 13 0.13 4.75 -1.26
N HIS A 14 0.34 3.58 -1.87
CA HIS A 14 0.46 3.50 -3.31
C HIS A 14 -0.89 3.18 -3.96
N GLU A 15 -1.46 2.05 -3.59
CA GLU A 15 -2.76 1.64 -4.12
C GLU A 15 -3.81 2.70 -3.90
N ALA A 16 -3.57 3.58 -2.93
CA ALA A 16 -4.49 4.66 -2.61
C ALA A 16 -4.59 5.65 -3.76
N GLU A 17 -3.53 5.74 -4.55
CA GLU A 17 -3.50 6.67 -5.69
C GLU A 17 -3.72 5.91 -7.00
N ASP A 18 -3.69 4.58 -6.93
CA ASP A 18 -3.88 3.74 -8.10
C ASP A 18 -5.32 3.26 -8.20
N LEU A 19 -5.95 3.04 -7.05
CA LEU A 19 -7.33 2.57 -7.00
C LEU A 19 -8.30 3.74 -7.19
N PHE A 20 -7.76 4.96 -7.13
CA PHE A 20 -8.58 6.16 -7.30
C PHE A 20 -8.97 6.35 -8.76
N TYR A 21 -8.34 5.60 -9.64
CA TYR A 21 -8.62 5.69 -11.07
C TYR A 21 -9.75 4.75 -11.47
N GLN A 22 -9.53 3.46 -11.28
CA GLN A 22 -10.53 2.45 -11.61
C GLN A 22 -11.87 2.76 -10.96
N ILE A 1 8.54 -11.05 8.76
CA ILE A 1 7.35 -10.40 9.30
C ILE A 1 7.31 -8.93 8.89
N GLU A 2 8.48 -8.33 8.73
CA GLU A 2 8.58 -6.93 8.34
C GLU A 2 7.72 -6.65 7.11
N GLU A 3 7.86 -7.50 6.09
CA GLU A 3 7.11 -7.35 4.85
C GLU A 3 5.63 -7.18 5.14
N GLN A 4 5.19 -7.66 6.30
CA GLN A 4 3.79 -7.57 6.69
C GLN A 4 3.62 -6.60 7.85
N ALA A 5 4.37 -5.51 7.82
CA ALA A 5 4.30 -4.50 8.88
C ALA A 5 5.10 -3.25 8.51
N LYS A 6 6.29 -3.47 7.95
CA LYS A 6 7.14 -2.37 7.54
C LYS A 6 6.80 -1.89 6.13
N THR A 7 6.49 -2.83 5.25
CA THR A 7 6.13 -2.51 3.88
C THR A 7 4.64 -2.67 3.64
N PHE A 8 3.93 -3.13 4.67
CA PHE A 8 2.48 -3.33 4.57
C PHE A 8 1.76 -2.00 4.34
N LEU A 9 2.47 -0.90 4.55
CA LEU A 9 1.91 0.43 4.37
C LEU A 9 2.20 0.96 2.97
N ASP A 10 3.10 0.29 2.26
CA ASP A 10 3.47 0.70 0.92
C ASP A 10 2.28 0.54 -0.04
N LYS A 11 1.36 -0.35 0.31
CA LYS A 11 0.18 -0.60 -0.51
C LYS A 11 -0.90 0.43 -0.22
N PHE A 12 -1.03 0.80 1.05
CA PHE A 12 -2.03 1.78 1.46
C PHE A 12 -1.68 3.17 0.96
N ASN A 13 -0.39 3.39 0.71
CA ASN A 13 0.08 4.68 0.23
C ASN A 13 0.17 4.70 -1.30
N HIS A 14 0.35 3.52 -1.89
CA HIS A 14 0.45 3.40 -3.34
C HIS A 14 -0.91 3.10 -3.95
N GLU A 15 -1.51 1.98 -3.54
CA GLU A 15 -2.81 1.58 -4.05
C GLU A 15 -3.84 2.67 -3.84
N ALA A 16 -3.57 3.56 -2.88
CA ALA A 16 -4.47 4.66 -2.58
C ALA A 16 -4.57 5.63 -3.75
N GLU A 17 -3.52 5.69 -4.57
CA GLU A 17 -3.49 6.57 -5.73
C GLU A 17 -3.74 5.80 -7.01
N ASP A 18 -3.74 4.47 -6.90
CA ASP A 18 -3.96 3.61 -8.06
C ASP A 18 -5.41 3.16 -8.13
N LEU A 19 -6.02 2.97 -6.96
CA LEU A 19 -7.42 2.54 -6.88
C LEU A 19 -8.37 3.72 -7.07
N PHE A 20 -7.81 4.92 -7.06
CA PHE A 20 -8.62 6.13 -7.23
C PHE A 20 -9.02 6.30 -8.70
N TYR A 21 -8.43 5.51 -9.57
CA TYR A 21 -8.73 5.58 -10.99
C TYR A 21 -9.87 4.64 -11.36
N GLN A 22 -9.67 3.35 -11.14
CA GLN A 22 -10.69 2.35 -11.44
C GLN A 22 -12.00 2.70 -10.76
N ILE A 1 6.10 -10.56 10.56
CA ILE A 1 7.19 -10.26 9.63
C ILE A 1 7.16 -8.80 9.21
N GLU A 2 8.33 -8.20 9.04
CA GLU A 2 8.43 -6.80 8.64
C GLU A 2 7.60 -6.53 7.39
N GLU A 3 7.74 -7.40 6.39
CA GLU A 3 7.00 -7.25 5.14
C GLU A 3 5.51 -7.08 5.41
N GLN A 4 5.06 -7.55 6.58
CA GLN A 4 3.66 -7.44 6.95
C GLN A 4 3.48 -6.46 8.10
N ALA A 5 4.24 -5.37 8.07
CA ALA A 5 4.16 -4.35 9.10
C ALA A 5 4.97 -3.11 8.72
N LYS A 6 6.15 -3.33 8.18
CA LYS A 6 7.03 -2.24 7.76
C LYS A 6 6.70 -1.78 6.35
N THR A 7 6.39 -2.73 5.48
CA THR A 7 6.05 -2.42 4.09
C THR A 7 4.56 -2.58 3.84
N PHE A 8 3.83 -3.02 4.87
CA PHE A 8 2.40 -3.22 4.75
C PHE A 8 1.68 -1.90 4.51
N LEU A 9 2.40 -0.79 4.71
CA LEU A 9 1.84 0.53 4.50
C LEU A 9 2.15 1.05 3.10
N ASP A 10 3.04 0.36 2.41
CA ASP A 10 3.43 0.74 1.06
C ASP A 10 2.25 0.58 0.10
N LYS A 11 1.32 -0.30 0.45
CA LYS A 11 0.16 -0.55 -0.38
C LYS A 11 -0.93 0.48 -0.11
N PHE A 12 -1.07 0.87 1.15
CA PHE A 12 -2.08 1.86 1.54
C PHE A 12 -1.71 3.24 1.02
N ASN A 13 -0.42 3.45 0.78
CA ASN A 13 0.07 4.74 0.29
C ASN A 13 0.17 4.74 -1.24
N HIS A 14 0.35 3.55 -1.81
CA HIS A 14 0.46 3.41 -3.26
C HIS A 14 -0.89 3.10 -3.89
N GLU A 15 -1.50 1.99 -3.46
CA GLU A 15 -2.79 1.58 -3.98
C GLU A 15 -3.83 2.68 -3.78
N ALA A 16 -3.56 3.59 -2.85
CA ALA A 16 -4.46 4.70 -2.56
C ALA A 16 -4.55 5.65 -3.75
N GLU A 17 -3.49 5.69 -4.55
CA GLU A 17 -3.45 6.56 -5.72
C GLU A 17 -3.69 5.77 -7.00
N ASP A 18 -3.69 4.44 -6.87
CA ASP A 18 -3.91 3.58 -8.02
C ASP A 18 -5.36 3.13 -8.10
N LEU A 19 -5.99 2.96 -6.93
CA LEU A 19 -7.38 2.53 -6.86
C LEU A 19 -8.32 3.71 -7.08
N PHE A 20 -7.76 4.91 -7.08
CA PHE A 20 -8.55 6.12 -7.27
C PHE A 20 -8.95 6.28 -8.74
N TYR A 21 -8.34 5.47 -9.60
CA TYR A 21 -8.62 5.52 -11.04
C TYR A 21 -9.78 4.58 -11.39
N GLN A 22 -9.57 3.29 -11.16
CA GLN A 22 -10.60 2.29 -11.46
C GLN A 22 -11.92 2.65 -10.79
N ILE A 1 6.08 -10.69 10.50
CA ILE A 1 7.15 -10.37 9.57
C ILE A 1 7.10 -8.90 9.16
N GLU A 2 8.27 -8.30 8.97
CA GLU A 2 8.36 -6.90 8.57
C GLU A 2 7.51 -6.63 7.33
N GLU A 3 7.61 -7.52 6.35
CA GLU A 3 6.86 -7.38 5.11
C GLU A 3 5.37 -7.17 5.40
N GLN A 4 4.94 -7.61 6.58
CA GLN A 4 3.55 -7.47 6.97
C GLN A 4 3.39 -6.47 8.11
N ALA A 5 4.18 -5.40 8.06
CA ALA A 5 4.14 -4.37 9.09
C ALA A 5 4.97 -3.15 8.69
N LYS A 6 6.15 -3.41 8.13
CA LYS A 6 7.03 -2.34 7.69
C LYS A 6 6.69 -1.88 6.28
N THR A 7 6.35 -2.84 5.41
CA THR A 7 6.00 -2.53 4.04
C THR A 7 4.50 -2.67 3.81
N PHE A 8 3.77 -3.08 4.85
CA PHE A 8 2.33 -3.24 4.76
C PHE A 8 1.64 -1.91 4.51
N LEU A 9 2.39 -0.82 4.68
CA LEU A 9 1.84 0.51 4.47
C LEU A 9 2.15 1.01 3.07
N ASP A 10 3.03 0.29 2.37
CA ASP A 10 3.40 0.66 1.00
C ASP A 10 2.21 0.51 0.06
N LYS A 11 1.27 -0.35 0.44
CA LYS A 11 0.07 -0.59 -0.38
C LYS A 11 -0.98 0.47 -0.11
N PHE A 12 -1.10 0.88 1.16
CA PHE A 12 -2.08 1.88 1.55
C PHE A 12 -1.69 3.26 1.02
N ASN A 13 -0.39 3.44 0.75
CA ASN A 13 0.10 4.71 0.23
C ASN A 13 0.19 4.69 -1.29
N HIS A 14 0.33 3.49 -1.85
CA HIS A 14 0.42 3.33 -3.30
C HIS A 14 -0.95 3.05 -3.90
N GLU A 15 -1.57 1.95 -3.45
CA GLU A 15 -2.88 1.57 -3.95
C GLU A 15 -3.90 2.70 -3.75
N ALA A 16 -3.59 3.60 -2.83
CA ALA A 16 -4.47 4.73 -2.54
C ALA A 16 -4.55 5.68 -3.73
N GLU A 17 -3.50 5.69 -4.55
CA GLU A 17 -3.46 6.55 -5.72
C GLU A 17 -3.73 5.75 -7.00
N ASP A 18 -3.76 4.44 -6.86
CA ASP A 18 -4.01 3.56 -8.00
C ASP A 18 -5.48 3.13 -8.04
N LEU A 19 -6.09 2.99 -6.88
CA LEU A 19 -7.49 2.58 -6.78
C LEU A 19 -8.41 3.78 -7.00
N PHE A 20 -7.83 4.98 -7.01
CA PHE A 20 -8.60 6.20 -7.20
C PHE A 20 -9.01 6.34 -8.67
N TYR A 21 -8.42 5.52 -9.53
CA TYR A 21 -8.74 5.57 -10.95
C TYR A 21 -9.91 4.66 -11.29
N GLN A 22 -9.73 3.36 -11.06
CA GLN A 22 -10.77 2.38 -11.33
C GLN A 22 -12.08 2.77 -10.64
N ILE A 1 6.11 -10.30 10.55
CA ILE A 1 7.18 -10.03 9.58
C ILE A 1 7.16 -8.58 9.13
N GLU A 2 8.34 -8.01 8.92
CA GLU A 2 8.46 -6.63 8.48
C GLU A 2 7.60 -6.37 7.25
N GLU A 3 7.71 -7.27 6.27
CA GLU A 3 6.94 -7.14 5.03
C GLU A 3 5.46 -6.93 5.33
N GLN A 4 5.03 -7.36 6.51
CA GLN A 4 3.64 -7.22 6.92
C GLN A 4 3.50 -6.21 8.05
N ALA A 5 4.27 -5.13 7.97
CA ALA A 5 4.24 -4.09 8.99
C ALA A 5 5.06 -2.88 8.56
N LYS A 6 6.23 -3.13 7.99
CA LYS A 6 7.12 -2.07 7.53
C LYS A 6 6.76 -1.63 6.12
N THR A 7 6.41 -2.60 5.27
CA THR A 7 6.05 -2.32 3.89
C THR A 7 4.54 -2.46 3.68
N PHE A 8 3.83 -2.86 4.73
CA PHE A 8 2.39 -3.03 4.66
C PHE A 8 1.69 -1.71 4.39
N LEU A 9 2.43 -0.62 4.55
CA LEU A 9 1.89 0.72 4.34
C LEU A 9 2.17 1.20 2.92
N ASP A 10 3.05 0.48 2.22
CA ASP A 10 3.41 0.82 0.85
C ASP A 10 2.21 0.66 -0.08
N LYS A 11 1.28 -0.20 0.32
CA LYS A 11 0.08 -0.45 -0.48
C LYS A 11 -0.99 0.61 -0.22
N PHE A 12 -1.09 1.03 1.04
CA PHE A 12 -2.08 2.04 1.43
C PHE A 12 -1.70 3.41 0.88
N ASN A 13 -0.40 3.59 0.60
CA ASN A 13 0.09 4.86 0.06
C ASN A 13 0.16 4.81 -1.46
N HIS A 14 0.30 3.62 -2.01
CA HIS A 14 0.37 3.43 -3.45
C HIS A 14 -1.01 3.14 -4.04
N GLU A 15 -1.61 2.05 -3.58
CA GLU A 15 -2.93 1.65 -4.06
C GLU A 15 -3.94 2.78 -3.86
N ALA A 16 -3.63 3.70 -2.95
CA ALA A 16 -4.51 4.83 -2.67
C ALA A 16 -4.61 5.76 -3.88
N GLU A 17 -3.57 5.77 -4.70
CA GLU A 17 -3.54 6.60 -5.89
C GLU A 17 -3.82 5.79 -7.14
N ASP A 18 -3.84 4.47 -7.00
CA ASP A 18 -4.11 3.58 -8.12
C ASP A 18 -5.57 3.15 -8.14
N LEU A 19 -6.16 3.02 -6.96
CA LEU A 19 -7.55 2.62 -6.86
C LEU A 19 -8.48 3.80 -7.07
N PHE A 20 -7.91 5.00 -7.11
CA PHE A 20 -8.69 6.22 -7.31
C PHE A 20 -9.12 6.35 -8.77
N TYR A 21 -8.54 5.52 -9.64
CA TYR A 21 -8.86 5.54 -11.05
C TYR A 21 -10.03 4.62 -11.37
N GLN A 22 -9.86 3.34 -11.07
CA GLN A 22 -10.92 2.35 -11.31
C GLN A 22 -12.21 2.74 -10.62
N ILE A 1 6.09 -10.66 10.52
CA ILE A 1 7.19 -10.33 9.60
C ILE A 1 7.14 -8.87 9.20
N GLU A 2 8.32 -8.27 9.03
CA GLU A 2 8.42 -6.88 8.64
C GLU A 2 7.59 -6.60 7.38
N GLU A 3 7.75 -7.45 6.38
CA GLU A 3 7.01 -7.31 5.12
C GLU A 3 5.53 -7.13 5.38
N GLN A 4 5.07 -7.62 6.54
CA GLN A 4 3.66 -7.53 6.90
C GLN A 4 3.46 -6.56 8.05
N ALA A 5 4.21 -5.46 8.04
CA ALA A 5 4.12 -4.45 9.09
C ALA A 5 4.93 -3.20 8.73
N LYS A 6 6.12 -3.42 8.19
CA LYS A 6 6.98 -2.31 7.80
C LYS A 6 6.66 -1.84 6.38
N THR A 7 6.37 -2.78 5.50
CA THR A 7 6.04 -2.46 4.11
C THR A 7 4.55 -2.64 3.84
N PHE A 8 3.83 -3.09 4.87
CA PHE A 8 2.39 -3.30 4.74
C PHE A 8 1.66 -1.98 4.49
N LEU A 9 2.37 -0.88 4.71
CA LEU A 9 1.79 0.45 4.51
C LEU A 9 2.11 0.98 3.12
N ASP A 10 3.03 0.31 2.43
CA ASP A 10 3.42 0.71 1.09
C ASP A 10 2.26 0.54 0.11
N LYS A 11 1.34 -0.35 0.44
CA LYS A 11 0.17 -0.61 -0.40
C LYS A 11 -0.93 0.42 -0.13
N PHE A 12 -1.08 0.80 1.13
CA PHE A 12 -2.10 1.76 1.52
C PHE A 12 -1.74 3.16 1.03
N ASN A 13 -0.44 3.39 0.79
CA ASN A 13 0.03 4.68 0.31
C ASN A 13 0.16 4.69 -1.20
N HIS A 14 0.35 3.51 -1.78
CA HIS A 14 0.47 3.38 -3.24
C HIS A 14 -0.88 3.08 -3.87
N GLU A 15 -1.47 1.95 -3.47
CA GLU A 15 -2.77 1.55 -4.00
C GLU A 15 -3.81 2.63 -3.81
N ALA A 16 -3.56 3.53 -2.86
CA ALA A 16 -4.47 4.62 -2.57
C ALA A 16 -4.55 5.59 -3.75
N GLU A 17 -3.49 5.65 -4.54
CA GLU A 17 -3.44 6.53 -5.70
C GLU A 17 -3.66 5.75 -6.99
N ASP A 18 -3.65 4.43 -6.88
CA ASP A 18 -3.85 3.56 -8.04
C ASP A 18 -5.31 3.10 -8.12
N LEU A 19 -5.93 2.91 -6.98
CA LEU A 19 -7.32 2.47 -6.92
C LEU A 19 -8.28 3.64 -7.13
N PHE A 20 -7.73 4.86 -7.12
CA PHE A 20 -8.53 6.06 -7.31
C PHE A 20 -8.91 6.23 -8.78
N TYR A 21 -8.29 5.43 -9.64
CA TYR A 21 -8.56 5.49 -11.07
C TYR A 21 -9.70 4.55 -11.45
N GLN A 22 -9.49 3.27 -11.22
CA GLN A 22 -10.51 2.26 -11.53
C GLN A 22 -11.85 2.62 -10.90
N ILE A 1 8.39 -11.37 8.38
CA ILE A 1 7.23 -10.72 8.97
C ILE A 1 7.20 -9.24 8.62
N GLU A 2 8.37 -8.67 8.36
CA GLU A 2 8.48 -7.26 8.01
C GLU A 2 7.62 -6.94 6.77
N GLU A 3 7.76 -7.77 5.75
CA GLU A 3 7.01 -7.57 4.51
C GLU A 3 5.52 -7.41 4.80
N GLN A 4 5.08 -7.92 5.95
CA GLN A 4 3.69 -7.83 6.34
C GLN A 4 3.52 -6.90 7.52
N ALA A 5 4.27 -5.81 7.52
CA ALA A 5 4.20 -4.82 8.60
C ALA A 5 5.01 -3.57 8.26
N LYS A 6 6.19 -3.78 7.70
CA LYS A 6 7.06 -2.67 7.32
C LYS A 6 6.71 -2.15 5.93
N THR A 7 6.40 -3.07 5.02
CA THR A 7 6.05 -2.71 3.65
C THR A 7 4.55 -2.87 3.41
N PHE A 8 3.83 -3.34 4.44
CA PHE A 8 2.40 -3.54 4.33
C PHE A 8 1.68 -2.20 4.13
N LEU A 9 2.39 -1.11 4.37
CA LEU A 9 1.83 0.23 4.22
C LEU A 9 2.13 0.79 2.84
N ASP A 10 3.03 0.13 2.11
CA ASP A 10 3.39 0.57 0.77
C ASP A 10 2.22 0.44 -0.19
N LYS A 11 1.28 -0.44 0.14
CA LYS A 11 0.10 -0.67 -0.69
C LYS A 11 -0.98 0.36 -0.37
N PHE A 12 -1.12 0.70 0.91
CA PHE A 12 -2.12 1.66 1.35
C PHE A 12 -1.75 3.07 0.89
N ASN A 13 -0.46 3.28 0.64
CA ASN A 13 0.03 4.59 0.20
C ASN A 13 0.10 4.65 -1.32
N HIS A 14 0.27 3.49 -1.95
CA HIS A 14 0.36 3.41 -3.40
C HIS A 14 -1.01 3.14 -4.02
N GLU A 15 -1.62 2.02 -3.63
CA GLU A 15 -2.94 1.65 -4.16
C GLU A 15 -3.95 2.77 -3.92
N ALA A 16 -3.65 3.64 -2.95
CA ALA A 16 -4.54 4.75 -2.63
C ALA A 16 -4.62 5.74 -3.79
N GLU A 17 -3.56 5.78 -4.60
CA GLU A 17 -3.51 6.68 -5.74
C GLU A 17 -3.78 5.93 -7.05
N ASP A 18 -3.80 4.61 -6.96
CA ASP A 18 -4.04 3.77 -8.13
C ASP A 18 -5.50 3.35 -8.21
N LEU A 19 -6.13 3.17 -7.04
CA LEU A 19 -7.52 2.76 -6.97
C LEU A 19 -8.44 3.97 -7.15
N PHE A 20 -7.86 5.16 -7.12
CA PHE A 20 -8.63 6.39 -7.27
C PHE A 20 -9.04 6.59 -8.73
N TYR A 21 -8.45 5.80 -9.61
CA TYR A 21 -8.75 5.89 -11.05
C TYR A 21 -9.92 5.00 -11.42
N GLN A 22 -9.75 3.69 -11.21
CA GLN A 22 -10.79 2.72 -11.52
C GLN A 22 -12.10 3.09 -10.83
N ILE A 1 8.91 -10.97 8.43
CA ILE A 1 7.70 -10.40 8.99
C ILE A 1 7.57 -8.92 8.64
N GLU A 2 8.71 -8.25 8.49
CA GLU A 2 8.73 -6.83 8.16
C GLU A 2 7.89 -6.56 6.92
N GLU A 3 8.05 -7.40 5.90
CA GLU A 3 7.31 -7.24 4.66
C GLU A 3 5.81 -7.12 4.93
N GLN A 4 5.39 -7.63 6.08
CA GLN A 4 3.97 -7.59 6.46
C GLN A 4 3.76 -6.64 7.63
N ALA A 5 4.49 -5.53 7.64
CA ALA A 5 4.38 -4.55 8.71
C ALA A 5 5.15 -3.27 8.37
N LYS A 6 6.35 -3.44 7.81
CA LYS A 6 7.18 -2.31 7.44
C LYS A 6 6.84 -1.82 6.05
N THR A 7 6.56 -2.75 5.13
CA THR A 7 6.21 -2.41 3.77
C THR A 7 4.73 -2.61 3.50
N PHE A 8 4.01 -3.10 4.52
CA PHE A 8 2.58 -3.34 4.40
C PHE A 8 1.83 -2.03 4.19
N LEU A 9 2.51 -0.91 4.43
CA LEU A 9 1.91 0.40 4.26
C LEU A 9 2.19 0.96 2.88
N ASP A 10 3.12 0.33 2.17
CA ASP A 10 3.49 0.77 0.83
C ASP A 10 2.33 0.60 -0.14
N LYS A 11 1.43 -0.31 0.18
CA LYS A 11 0.26 -0.58 -0.66
C LYS A 11 -0.86 0.42 -0.36
N PHE A 12 -1.02 0.75 0.91
CA PHE A 12 -2.05 1.69 1.34
C PHE A 12 -1.73 3.11 0.87
N ASN A 13 -0.44 3.36 0.64
CA ASN A 13 0.01 4.67 0.19
C ASN A 13 0.10 4.73 -1.34
N HIS A 14 0.31 3.56 -1.95
CA HIS A 14 0.43 3.47 -3.40
C HIS A 14 -0.93 3.16 -4.03
N GLU A 15 -1.51 2.03 -3.64
CA GLU A 15 -2.80 1.62 -4.18
C GLU A 15 -3.85 2.70 -3.97
N ALA A 16 -3.60 3.58 -3.00
CA ALA A 16 -4.52 4.67 -2.69
C ALA A 16 -4.61 5.64 -3.86
N GLU A 17 -3.56 5.72 -4.66
CA GLU A 17 -3.53 6.62 -5.81
C GLU A 17 -3.74 5.86 -7.11
N ASP A 18 -3.73 4.52 -7.02
CA ASP A 18 -3.93 3.67 -8.18
C ASP A 18 -5.38 3.20 -8.27
N LEU A 19 -6.00 3.00 -7.12
CA LEU A 19 -7.39 2.56 -7.06
C LEU A 19 -8.34 3.73 -7.25
N PHE A 20 -7.81 4.94 -7.22
CA PHE A 20 -8.61 6.14 -7.39
C PHE A 20 -9.01 6.32 -8.86
N TYR A 21 -8.38 5.55 -9.73
CA TYR A 21 -8.66 5.61 -11.17
C TYR A 21 -9.80 4.67 -11.55
N GLN A 22 -9.59 3.39 -11.33
CA GLN A 22 -10.59 2.38 -11.65
C GLN A 22 -11.92 2.71 -10.99
N ILE A 1 8.77 -11.02 8.52
CA ILE A 1 7.53 -10.41 8.98
C ILE A 1 7.46 -8.93 8.59
N GLU A 2 8.63 -8.31 8.42
CA GLU A 2 8.70 -6.91 8.06
C GLU A 2 7.83 -6.62 6.83
N GLU A 3 7.98 -7.45 5.80
CA GLU A 3 7.23 -7.29 4.57
C GLU A 3 5.73 -7.15 4.87
N GLN A 4 5.31 -7.66 6.02
CA GLN A 4 3.91 -7.58 6.42
C GLN A 4 3.72 -6.64 7.60
N ALA A 5 4.47 -5.53 7.58
CA ALA A 5 4.39 -4.54 8.65
C ALA A 5 5.17 -3.29 8.29
N LYS A 6 6.35 -3.47 7.72
CA LYS A 6 7.20 -2.35 7.33
C LYS A 6 6.83 -1.86 5.94
N THR A 7 6.54 -2.79 5.04
CA THR A 7 6.17 -2.45 3.67
C THR A 7 4.68 -2.63 3.43
N PHE A 8 3.98 -3.11 4.46
CA PHE A 8 2.54 -3.34 4.36
C PHE A 8 1.80 -2.01 4.16
N LEU A 9 2.50 -0.91 4.37
CA LEU A 9 1.91 0.42 4.22
C LEU A 9 2.19 0.97 2.83
N ASP A 10 3.09 0.31 2.11
CA ASP A 10 3.45 0.75 0.75
C ASP A 10 2.28 0.59 -0.20
N LYS A 11 1.36 -0.31 0.14
CA LYS A 11 0.19 -0.55 -0.68
C LYS A 11 -0.92 0.44 -0.36
N PHE A 12 -1.05 0.79 0.91
CA PHE A 12 -2.07 1.75 1.35
C PHE A 12 -1.73 3.15 0.87
N ASN A 13 -0.45 3.39 0.61
CA ASN A 13 0.01 4.69 0.15
C ASN A 13 0.09 4.74 -1.37
N HIS A 14 0.26 3.57 -1.98
CA HIS A 14 0.36 3.47 -3.44
C HIS A 14 -1.01 3.18 -4.05
N GLU A 15 -1.60 2.05 -3.65
CA GLU A 15 -2.90 1.66 -4.15
C GLU A 15 -3.94 2.76 -3.93
N ALA A 16 -3.66 3.64 -2.98
CA ALA A 16 -4.56 4.74 -2.67
C ALA A 16 -4.66 5.72 -3.83
N GLU A 17 -3.61 5.77 -4.64
CA GLU A 17 -3.58 6.66 -5.79
C GLU A 17 -3.83 5.89 -7.08
N ASP A 18 -3.83 4.57 -6.99
CA ASP A 18 -4.06 3.71 -8.15
C ASP A 18 -5.52 3.27 -8.22
N LEU A 19 -6.12 3.07 -7.05
CA LEU A 19 -7.51 2.64 -6.97
C LEU A 19 -8.46 3.83 -7.15
N PHE A 20 -7.91 5.03 -7.14
CA PHE A 20 -8.70 6.24 -7.30
C PHE A 20 -9.12 6.43 -8.76
N TYR A 21 -8.52 5.64 -9.64
CA TYR A 21 -8.82 5.71 -11.06
C TYR A 21 -9.97 4.78 -11.43
N GLN A 22 -9.79 3.50 -11.15
CA GLN A 22 -10.82 2.51 -11.44
C GLN A 22 -12.13 2.85 -10.76
N ILE A 1 8.95 -10.34 11.40
CA ILE A 1 8.24 -10.02 10.17
C ILE A 1 8.29 -8.52 9.88
N GLU A 2 8.63 -8.17 8.65
CA GLU A 2 8.71 -6.77 8.25
C GLU A 2 7.85 -6.50 7.02
N GLU A 3 7.99 -7.36 6.02
CA GLU A 3 7.23 -7.22 4.78
C GLU A 3 5.73 -7.06 5.08
N GLN A 4 5.32 -7.54 6.24
CA GLN A 4 3.92 -7.46 6.65
C GLN A 4 3.75 -6.48 7.80
N ALA A 5 4.49 -5.38 7.76
CA ALA A 5 4.41 -4.37 8.81
C ALA A 5 5.20 -3.12 8.43
N LYS A 6 6.38 -3.33 7.86
CA LYS A 6 7.24 -2.22 7.44
C LYS A 6 6.87 -1.75 6.03
N THR A 7 6.57 -2.70 5.16
CA THR A 7 6.19 -2.38 3.78
C THR A 7 4.69 -2.58 3.56
N PHE A 8 4.00 -3.02 4.59
CA PHE A 8 2.56 -3.24 4.51
C PHE A 8 1.83 -1.92 4.28
N LEU A 9 2.54 -0.81 4.47
CA LEU A 9 1.94 0.51 4.29
C LEU A 9 2.23 1.04 2.89
N ASP A 10 3.12 0.37 2.17
CA ASP A 10 3.48 0.77 0.82
C ASP A 10 2.29 0.60 -0.13
N LYS A 11 1.38 -0.30 0.24
CA LYS A 11 0.20 -0.55 -0.57
C LYS A 11 -0.90 0.47 -0.28
N PHE A 12 -1.04 0.83 0.99
CA PHE A 12 -2.04 1.80 1.41
C PHE A 12 -1.69 3.20 0.91
N ASN A 13 -0.41 3.43 0.64
CA ASN A 13 0.05 4.72 0.15
C ASN A 13 0.12 4.73 -1.37
N HIS A 14 0.29 3.55 -1.96
CA HIS A 14 0.38 3.43 -3.41
C HIS A 14 -0.99 3.13 -4.01
N GLU A 15 -1.59 2.01 -3.59
CA GLU A 15 -2.90 1.62 -4.08
C GLU A 15 -3.92 2.73 -3.88
N ALA A 16 -3.63 3.63 -2.94
CA ALA A 16 -4.52 4.74 -2.64
C ALA A 16 -4.63 5.69 -3.84
N GLU A 17 -3.58 5.72 -4.65
CA GLU A 17 -3.55 6.60 -5.82
C GLU A 17 -3.82 5.80 -7.09
N ASP A 18 -3.82 4.48 -6.97
CA ASP A 18 -4.06 3.60 -8.11
C ASP A 18 -5.53 3.16 -8.16
N LEU A 19 -6.13 3.00 -6.99
CA LEU A 19 -7.52 2.58 -6.90
C LEU A 19 -8.46 3.77 -7.11
N PHE A 20 -7.89 4.97 -7.12
CA PHE A 20 -8.68 6.18 -7.31
C PHE A 20 -9.10 6.33 -8.76
N TYR A 21 -8.51 5.53 -9.63
CA TYR A 21 -8.81 5.57 -11.05
C TYR A 21 -9.98 4.65 -11.39
N GLN A 22 -9.79 3.36 -11.15
CA GLN A 22 -10.82 2.36 -11.43
C GLN A 22 -12.12 2.72 -10.73
N ILE A 1 7.11 -11.05 9.04
CA ILE A 1 7.73 -10.36 10.15
C ILE A 1 7.81 -8.86 9.88
N GLU A 2 8.22 -8.49 8.67
CA GLU A 2 8.33 -7.08 8.30
C GLU A 2 7.49 -6.79 7.06
N GLU A 3 7.64 -7.63 6.05
CA GLU A 3 6.90 -7.46 4.80
C GLU A 3 5.41 -7.28 5.07
N GLN A 4 4.96 -7.78 6.23
CA GLN A 4 3.56 -7.67 6.61
C GLN A 4 3.38 -6.70 7.78
N ALA A 5 4.15 -5.62 7.77
CA ALA A 5 4.07 -4.62 8.82
C ALA A 5 4.89 -3.38 8.47
N LYS A 6 6.07 -3.60 7.91
CA LYS A 6 6.95 -2.50 7.52
C LYS A 6 6.61 -2.01 6.13
N THR A 7 6.30 -2.95 5.23
CA THR A 7 5.96 -2.61 3.85
C THR A 7 4.47 -2.75 3.60
N PHE A 8 3.75 -3.21 4.62
CA PHE A 8 2.30 -3.40 4.51
C PHE A 8 1.59 -2.07 4.29
N LEU A 9 2.32 -0.98 4.51
CA LEU A 9 1.76 0.36 4.33
C LEU A 9 2.07 0.90 2.94
N ASP A 10 2.97 0.22 2.24
CA ASP A 10 3.36 0.64 0.89
C ASP A 10 2.18 0.51 -0.07
N LYS A 11 1.25 -0.37 0.26
CA LYS A 11 0.07 -0.60 -0.57
C LYS A 11 -1.01 0.44 -0.28
N PHE A 12 -1.16 0.78 1.00
CA PHE A 12 -2.16 1.76 1.41
C PHE A 12 -1.77 3.16 0.93
N ASN A 13 -0.49 3.37 0.69
CA ASN A 13 0.01 4.67 0.22
C ASN A 13 0.10 4.69 -1.30
N HIS A 14 0.26 3.52 -1.90
CA HIS A 14 0.37 3.42 -3.35
C HIS A 14 -1.00 3.14 -3.98
N GLU A 15 -1.62 2.04 -3.58
CA GLU A 15 -2.93 1.66 -4.10
C GLU A 15 -3.94 2.80 -3.90
N ALA A 16 -3.65 3.67 -2.95
CA ALA A 16 -4.53 4.80 -2.64
C ALA A 16 -4.59 5.77 -3.82
N GLU A 17 -3.53 5.80 -4.62
CA GLU A 17 -3.46 6.68 -5.78
C GLU A 17 -3.71 5.91 -7.07
N ASP A 18 -3.75 4.59 -6.96
CA ASP A 18 -3.98 3.73 -8.12
C ASP A 18 -5.45 3.32 -8.20
N LEU A 19 -6.08 3.15 -7.04
CA LEU A 19 -7.49 2.76 -6.98
C LEU A 19 -8.40 3.96 -7.18
N PHE A 20 -7.82 5.15 -7.17
CA PHE A 20 -8.58 6.38 -7.34
C PHE A 20 -8.97 6.56 -8.81
N TYR A 21 -8.38 5.75 -9.68
CA TYR A 21 -8.66 5.83 -11.11
C TYR A 21 -9.83 4.92 -11.48
N GLN A 22 -9.66 3.62 -11.26
CA GLN A 22 -10.71 2.65 -11.57
C GLN A 22 -12.02 3.03 -10.89
N ILE A 1 7.67 -11.07 9.31
CA ILE A 1 6.92 -10.17 10.17
C ILE A 1 6.98 -8.73 9.66
N GLU A 2 8.09 -8.39 9.00
CA GLU A 2 8.27 -7.06 8.46
C GLU A 2 7.44 -6.87 7.19
N GLU A 3 7.52 -7.83 6.28
CA GLU A 3 6.78 -7.77 5.04
C GLU A 3 5.31 -7.47 5.29
N GLN A 4 4.85 -7.80 6.50
CA GLN A 4 3.46 -7.57 6.87
C GLN A 4 3.35 -6.46 7.92
N ALA A 5 4.16 -5.43 7.77
CA ALA A 5 4.16 -4.31 8.70
C ALA A 5 5.04 -3.17 8.19
N LYS A 6 6.21 -3.52 7.66
CA LYS A 6 7.15 -2.52 7.14
C LYS A 6 6.82 -2.19 5.69
N THR A 7 6.45 -3.21 4.92
CA THR A 7 6.11 -3.03 3.51
C THR A 7 4.61 -3.10 3.29
N PHE A 8 3.87 -3.39 4.36
CA PHE A 8 2.42 -3.50 4.28
C PHE A 8 1.79 -2.17 3.92
N LEU A 9 2.59 -1.10 4.00
CA LEU A 9 2.11 0.24 3.69
C LEU A 9 2.43 0.60 2.24
N ASP A 10 3.33 -0.16 1.63
CA ASP A 10 3.72 0.07 0.25
C ASP A 10 2.51 0.06 -0.67
N LYS A 11 1.53 -0.79 -0.35
CA LYS A 11 0.33 -0.91 -1.15
C LYS A 11 -0.71 0.13 -0.72
N PHE A 12 -0.82 0.34 0.58
CA PHE A 12 -1.78 1.32 1.12
C PHE A 12 -1.37 2.73 0.75
N ASN A 13 -0.11 2.91 0.39
CA ASN A 13 0.41 4.22 0.02
C ASN A 13 0.42 4.39 -1.50
N HIS A 14 0.58 3.28 -2.21
CA HIS A 14 0.60 3.32 -3.67
C HIS A 14 -0.79 3.10 -4.24
N GLU A 15 -1.40 1.96 -3.90
CA GLU A 15 -2.73 1.63 -4.38
C GLU A 15 -3.72 2.74 -4.02
N ALA A 16 -3.38 3.53 -3.01
CA ALA A 16 -4.23 4.63 -2.57
C ALA A 16 -4.36 5.69 -3.65
N GLU A 17 -3.36 5.79 -4.50
CA GLU A 17 -3.36 6.77 -5.58
C GLU A 17 -3.69 6.11 -6.92
N ASP A 18 -3.72 4.78 -6.92
CA ASP A 18 -4.02 4.02 -8.13
C ASP A 18 -5.49 3.62 -8.16
N LEU A 19 -6.05 3.35 -6.98
CA LEU A 19 -7.45 2.94 -6.88
C LEU A 19 -8.37 4.17 -6.92
N PHE A 20 -7.78 5.35 -6.83
CA PHE A 20 -8.55 6.60 -6.87
C PHE A 20 -9.03 6.89 -8.28
N TYR A 21 -8.49 6.17 -9.25
CA TYR A 21 -8.86 6.36 -10.65
C TYR A 21 -10.06 5.49 -11.03
N GLN A 22 -9.87 4.17 -10.93
CA GLN A 22 -10.94 3.23 -11.26
C GLN A 22 -12.20 3.54 -10.46
N ILE A 1 7.65 -10.90 9.01
CA ILE A 1 7.88 -10.17 10.26
C ILE A 1 7.90 -8.66 10.02
N GLU A 2 8.37 -8.26 8.84
CA GLU A 2 8.44 -6.85 8.48
C GLU A 2 7.66 -6.56 7.20
N GLU A 3 7.89 -7.39 6.18
CA GLU A 3 7.21 -7.23 4.90
C GLU A 3 5.70 -7.11 5.11
N GLN A 4 5.21 -7.64 6.22
CA GLN A 4 3.79 -7.60 6.52
C GLN A 4 3.51 -6.66 7.70
N ALA A 5 4.23 -5.54 7.74
CA ALA A 5 4.07 -4.57 8.81
C ALA A 5 4.84 -3.29 8.51
N LYS A 6 6.07 -3.45 8.02
CA LYS A 6 6.92 -2.31 7.70
C LYS A 6 6.63 -1.81 6.28
N THR A 7 6.41 -2.74 5.36
CA THR A 7 6.13 -2.40 3.98
C THR A 7 4.66 -2.60 3.65
N PHE A 8 3.90 -3.10 4.62
CA PHE A 8 2.47 -3.34 4.43
C PHE A 8 1.72 -2.04 4.18
N LEU A 9 2.39 -0.92 4.45
CA LEU A 9 1.79 0.39 4.27
C LEU A 9 2.15 0.97 2.91
N ASP A 10 3.11 0.34 2.24
CA ASP A 10 3.55 0.78 0.92
C ASP A 10 2.43 0.62 -0.11
N LYS A 11 1.51 -0.30 0.17
CA LYS A 11 0.39 -0.55 -0.73
C LYS A 11 -0.73 0.45 -0.48
N PHE A 12 -1.02 0.71 0.79
CA PHE A 12 -2.07 1.64 1.15
C PHE A 12 -1.75 3.06 0.66
N ASN A 13 -0.47 3.30 0.41
CA ASN A 13 -0.03 4.61 -0.07
C ASN A 13 0.05 4.65 -1.59
N HIS A 14 0.16 3.46 -2.19
CA HIS A 14 0.24 3.35 -3.65
C HIS A 14 -1.14 3.14 -4.26
N GLU A 15 -1.90 2.21 -3.68
CA GLU A 15 -3.24 1.91 -4.17
C GLU A 15 -4.15 3.13 -4.06
N ALA A 16 -3.77 4.06 -3.18
CA ALA A 16 -4.55 5.27 -2.97
C ALA A 16 -4.55 6.15 -4.21
N GLU A 17 -3.49 6.02 -5.01
CA GLU A 17 -3.37 6.81 -6.24
C GLU A 17 -3.78 5.98 -7.46
N ASP A 18 -3.93 4.68 -7.26
CA ASP A 18 -4.33 3.78 -8.34
C ASP A 18 -5.83 3.56 -8.33
N LEU A 19 -6.41 3.52 -7.14
CA LEU A 19 -7.85 3.31 -7.00
C LEU A 19 -8.63 4.58 -7.34
N PHE A 20 -7.94 5.72 -7.25
CA PHE A 20 -8.57 7.00 -7.55
C PHE A 20 -8.97 7.09 -9.01
N TYR A 21 -8.47 6.15 -9.81
CA TYR A 21 -8.78 6.12 -11.25
C TYR A 21 -10.04 5.30 -11.51
N GLN A 22 -10.14 4.15 -10.86
CA GLN A 22 -11.29 3.28 -11.03
C GLN A 22 -12.59 4.04 -10.79
N ILE A 1 8.85 -11.22 8.39
CA ILE A 1 7.63 -10.65 8.91
C ILE A 1 7.54 -9.16 8.60
N GLU A 2 8.70 -8.51 8.51
CA GLU A 2 8.75 -7.08 8.21
C GLU A 2 7.95 -6.76 6.95
N GLU A 3 8.18 -7.54 5.90
CA GLU A 3 7.49 -7.34 4.63
C GLU A 3 5.98 -7.25 4.85
N GLN A 4 5.51 -7.82 5.95
CA GLN A 4 4.09 -7.80 6.28
C GLN A 4 3.81 -6.91 7.48
N ALA A 5 4.52 -5.80 7.56
CA ALA A 5 4.35 -4.85 8.67
C ALA A 5 5.12 -3.56 8.42
N LYS A 6 6.34 -3.69 7.90
CA LYS A 6 7.18 -2.53 7.61
C LYS A 6 6.88 -1.99 6.22
N THR A 7 6.65 -2.89 5.26
CA THR A 7 6.35 -2.49 3.89
C THR A 7 4.87 -2.70 3.57
N PHE A 8 4.13 -3.25 4.53
CA PHE A 8 2.71 -3.50 4.34
C PHE A 8 1.94 -2.19 4.16
N LEU A 9 2.61 -1.08 4.47
CA LEU A 9 1.99 0.24 4.33
C LEU A 9 2.32 0.87 2.99
N ASP A 10 3.27 0.26 2.28
CA ASP A 10 3.68 0.76 0.98
C ASP A 10 2.57 0.59 -0.05
N LYS A 11 1.68 -0.36 0.21
CA LYS A 11 0.57 -0.63 -0.68
C LYS A 11 -0.60 0.32 -0.41
N PHE A 12 -0.79 0.65 0.86
CA PHE A 12 -1.87 1.55 1.25
C PHE A 12 -1.59 2.98 0.78
N ASN A 13 -0.32 3.26 0.51
CA ASN A 13 0.09 4.60 0.06
C ASN A 13 0.15 4.65 -1.46
N HIS A 14 0.31 3.49 -2.09
CA HIS A 14 0.39 3.39 -3.54
C HIS A 14 -0.98 3.10 -4.14
N GLU A 15 -1.68 2.15 -3.56
CA GLU A 15 -3.01 1.76 -4.04
C GLU A 15 -3.99 2.92 -3.88
N ALA A 16 -3.66 3.87 -3.01
CA ALA A 16 -4.50 5.03 -2.76
C ALA A 16 -4.56 5.93 -4.00
N GLU A 17 -3.52 5.89 -4.81
CA GLU A 17 -3.45 6.69 -6.02
C GLU A 17 -3.74 5.86 -7.26
N ASP A 18 -3.80 4.54 -7.08
CA ASP A 18 -4.08 3.62 -8.18
C ASP A 18 -5.55 3.23 -8.20
N LEU A 19 -6.15 3.15 -7.03
CA LEU A 19 -7.57 2.78 -6.91
C LEU A 19 -8.46 3.99 -7.17
N PHE A 20 -7.86 5.17 -7.25
CA PHE A 20 -8.60 6.40 -7.49
C PHE A 20 -9.01 6.50 -8.96
N TYR A 21 -8.44 5.63 -9.78
CA TYR A 21 -8.74 5.62 -11.21
C TYR A 21 -9.95 4.73 -11.51
N GLN A 22 -9.80 3.44 -11.23
CA GLN A 22 -10.88 2.49 -11.47
C GLN A 22 -12.17 2.94 -10.79
#